data_5ZI3
#
_entry.id   5ZI3
#
_cell.length_a   57.455
_cell.length_b   86.645
_cell.length_c   132.931
_cell.angle_alpha   90.00
_cell.angle_beta   90.00
_cell.angle_gamma   90.00
#
_symmetry.space_group_name_H-M   'P 21 21 21'
#
loop_
_entity.id
_entity.type
_entity.pdbx_description
1 polymer 'Malate dehydrogenase'
2 non-polymer GLYCEROL
3 water water
#
_entity_poly.entity_id   1
_entity_poly.type   'polypeptide(L)'
_entity_poly.pdbx_seq_one_letter_code
;GSMVKVAILGASGGVGQPLSLLLKLSPYVSELALYDIRAAEGIGKDLSHINTNSSCVGYDKDSIENTLSNAQVVLIPAGV
PRKPGLTRDDLFKMNAGIVKSLVTAVGKFAPNARILVISNPVNSLVPIAVETLKKMGKFKPGNVMGVTNLDLVRAETFLV
DYLMLKNPKIGQEQDKTTMHRKVTVIGGHSGETIIPIITDKSLVFQLDKQYEHFIHRVQFGGDEIVKAKQGAGSATLSMA
FAGAKFAEEVLRSFHNEKPETESLSAFVYLPGLKNGKKAQQLVGDNSIEYFSLPIVLRNGSVVSIDTSVLEKLSPREEQL
VNTAVKELRKNIEKGKSFILDSSKL
;
_entity_poly.pdbx_strand_id   A,B
#
loop_
_chem_comp.id
_chem_comp.type
_chem_comp.name
_chem_comp.formula
GOL non-polymer GLYCEROL 'C3 H8 O3'
#
# COMPACT_ATOMS: atom_id res chain seq x y z
N MET A 3 14.53 -7.33 12.32
CA MET A 3 15.98 -7.66 12.51
C MET A 3 16.92 -7.19 11.37
N VAL A 4 16.42 -7.14 10.13
CA VAL A 4 17.22 -6.92 8.91
C VAL A 4 17.01 -5.55 8.23
N LYS A 5 18.07 -4.90 7.71
CA LYS A 5 17.90 -3.65 6.90
C LYS A 5 17.57 -3.92 5.45
N VAL A 6 16.56 -3.22 4.96
CA VAL A 6 16.14 -3.31 3.55
C VAL A 6 16.44 -1.95 2.88
N ALA A 7 17.03 -2.01 1.70
CA ALA A 7 17.18 -0.83 0.88
C ALA A 7 16.34 -0.94 -0.36
N ILE A 8 15.75 0.18 -0.77
CA ILE A 8 14.93 0.18 -1.98
C ILE A 8 15.51 1.20 -2.93
N LEU A 9 15.91 0.72 -4.15
CA LEU A 9 16.60 1.57 -5.12
C LEU A 9 15.66 1.87 -6.23
N GLY A 10 15.27 3.14 -6.37
CA GLY A 10 14.12 3.51 -7.21
C GLY A 10 12.81 3.63 -6.39
N ALA A 11 12.87 4.14 -5.16
CA ALA A 11 11.70 4.24 -4.25
C ALA A 11 10.68 5.34 -4.53
N SER A 12 10.94 6.26 -5.47
CA SER A 12 10.01 7.32 -5.76
C SER A 12 9.24 7.05 -7.05
N GLY A 13 9.51 5.93 -7.71
CA GLY A 13 8.87 5.65 -8.99
C GLY A 13 7.50 5.09 -8.73
N GLY A 14 6.87 4.62 -9.81
CA GLY A 14 5.48 4.22 -9.81
C GLY A 14 5.36 2.96 -9.00
N VAL A 15 6.29 2.04 -9.19
CA VAL A 15 6.24 0.82 -8.40
C VAL A 15 6.82 1.15 -7.02
N GLY A 16 7.89 1.94 -6.97
CA GLY A 16 8.69 2.12 -5.79
C GLY A 16 7.97 2.76 -4.58
N GLN A 17 7.13 3.77 -4.83
CA GLN A 17 6.39 4.41 -3.73
C GLN A 17 5.42 3.44 -3.06
N PRO A 18 4.50 2.83 -3.81
CA PRO A 18 3.67 1.80 -3.17
C PRO A 18 4.49 0.62 -2.58
N LEU A 19 5.61 0.27 -3.21
CA LEU A 19 6.42 -0.81 -2.64
C LEU A 19 7.01 -0.38 -1.30
N SER A 20 7.41 0.88 -1.22
CA SER A 20 7.98 1.42 0.01
C SER A 20 6.92 1.43 1.18
N LEU A 21 5.70 1.84 0.88
CA LEU A 21 4.61 1.80 1.85
C LEU A 21 4.40 0.36 2.42
N LEU A 22 4.25 -0.62 1.51
CA LEU A 22 4.04 -2.02 1.92
C LEU A 22 5.19 -2.51 2.73
N LEU A 23 6.41 -2.22 2.29
CA LEU A 23 7.58 -2.55 3.06
C LEU A 23 7.61 -1.87 4.44
N LYS A 24 7.17 -0.62 4.59
CA LYS A 24 7.03 -0.02 5.93
C LYS A 24 6.14 -0.83 6.87
N LEU A 25 5.11 -1.46 6.34
CA LEU A 25 4.23 -2.26 7.16
C LEU A 25 4.80 -3.61 7.63
N SER A 26 5.95 -4.06 7.10
CA SER A 26 6.39 -5.42 7.41
C SER A 26 6.98 -5.53 8.81
N PRO A 27 6.52 -6.52 9.60
CA PRO A 27 7.19 -6.68 10.89
C PRO A 27 8.58 -7.29 10.83
N TYR A 28 9.07 -7.70 9.66
CA TYR A 28 10.40 -8.33 9.56
C TYR A 28 11.50 -7.36 9.25
N VAL A 29 11.16 -6.08 9.18
CA VAL A 29 12.14 -5.08 8.78
C VAL A 29 12.50 -4.24 9.97
N SER A 30 13.79 -4.03 10.19
CA SER A 30 14.27 -3.21 11.28
C SER A 30 14.53 -1.79 10.79
N GLU A 31 15.13 -1.69 9.60
CA GLU A 31 15.52 -0.44 8.99
C GLU A 31 15.14 -0.46 7.54
N LEU A 32 14.48 0.60 7.10
CA LEU A 32 14.06 0.70 5.75
C LEU A 32 14.69 1.97 5.15
N ALA A 33 15.54 1.80 4.14
CA ALA A 33 16.25 2.88 3.50
C ALA A 33 15.78 3.07 2.07
N LEU A 34 15.37 4.27 1.78
CA LEU A 34 14.82 4.59 0.45
C LEU A 34 15.79 5.43 -0.36
N TYR A 35 16.02 5.05 -1.62
CA TYR A 35 16.91 5.78 -2.54
C TYR A 35 16.28 6.05 -3.94
N ASP A 36 16.39 7.28 -4.42
CA ASP A 36 16.06 7.61 -5.80
C ASP A 36 16.81 8.86 -6.29
N ILE A 37 16.74 9.14 -7.58
CA ILE A 37 17.34 10.35 -8.14
C ILE A 37 16.73 11.60 -7.56
N ARG A 38 15.48 11.50 -7.12
CA ARG A 38 14.80 12.55 -6.39
C ARG A 38 13.65 12.04 -5.50
N ALA A 39 13.20 12.91 -4.59
CA ALA A 39 11.99 12.76 -3.76
C ALA A 39 12.02 11.70 -2.68
N ALA A 40 13.10 10.93 -2.55
CA ALA A 40 13.11 9.84 -1.58
C ALA A 40 13.12 10.31 -0.12
N GLU A 41 13.80 11.42 0.13
CA GLU A 41 13.78 12.03 1.49
C GLU A 41 12.38 12.28 2.00
N GLY A 42 11.57 12.94 1.18
CA GLY A 42 10.24 13.27 1.53
C GLY A 42 9.35 12.05 1.73
N ILE A 43 9.48 11.10 0.84
CA ILE A 43 8.71 9.88 0.89
C ILE A 43 9.12 9.12 2.10
N GLY A 44 10.42 9.04 2.34
CA GLY A 44 10.89 8.42 3.60
C GLY A 44 10.32 9.09 4.85
N LYS A 45 10.26 10.41 4.86
CA LYS A 45 9.76 11.15 6.01
C LYS A 45 8.26 10.88 6.20
N ASP A 46 7.49 10.87 5.11
CA ASP A 46 6.05 10.52 5.12
C ASP A 46 5.83 9.16 5.82
N LEU A 47 6.54 8.16 5.30
CA LEU A 47 6.42 6.81 5.77
C LEU A 47 6.92 6.65 7.21
N SER A 48 7.90 7.44 7.63
CA SER A 48 8.40 7.38 9.04
C SER A 48 7.32 7.70 10.10
N HIS A 49 6.23 8.38 9.71
CA HIS A 49 5.10 8.61 10.61
C HIS A 49 4.17 7.43 10.87
N ILE A 50 4.32 6.35 10.11
CA ILE A 50 3.45 5.19 10.23
C ILE A 50 3.88 4.43 11.46
N ASN A 51 2.92 4.00 12.24
CA ASN A 51 3.24 3.39 13.54
C ASN A 51 3.51 1.88 13.44
N THR A 52 4.57 1.53 12.68
CA THR A 52 5.11 0.18 12.58
C THR A 52 6.56 0.36 13.03
N ASN A 53 7.21 -0.72 13.49
CA ASN A 53 8.47 -0.59 14.23
C ASN A 53 9.74 -0.27 13.45
N SER A 54 9.71 -0.44 12.14
CA SER A 54 10.88 -0.10 11.30
C SER A 54 11.21 1.39 11.31
N SER A 55 12.50 1.67 11.25
CA SER A 55 13.02 3.00 11.14
C SER A 55 13.18 3.29 9.62
N CYS A 56 12.46 4.30 9.13
CA CYS A 56 12.39 4.58 7.68
C CYS A 56 13.04 5.91 7.38
N VAL A 57 14.11 5.85 6.58
CA VAL A 57 14.87 7.02 6.14
C VAL A 57 15.03 6.97 4.63
N GLY A 58 14.82 8.12 4.05
CA GLY A 58 15.04 8.27 2.62
C GLY A 58 16.30 9.06 2.33
N TYR A 59 16.88 8.89 1.15
CA TYR A 59 18.18 9.46 0.83
C TYR A 59 18.24 10.16 -0.56
N ASP A 60 19.08 11.19 -0.65
CA ASP A 60 19.26 11.91 -1.92
C ASP A 60 20.11 11.14 -2.93
N LYS A 61 20.15 11.63 -4.18
CA LYS A 61 20.79 10.91 -5.29
C LYS A 61 22.27 10.74 -5.08
N ASP A 62 22.87 11.52 -4.22
CA ASP A 62 24.29 11.33 -4.01
C ASP A 62 24.62 10.47 -2.84
N SER A 63 23.59 9.94 -2.16
CA SER A 63 23.84 9.21 -0.92
C SER A 63 23.45 7.76 -1.05
N ILE A 64 23.73 7.13 -2.18
CA ILE A 64 23.43 5.70 -2.37
C ILE A 64 24.23 4.84 -1.42
N GLU A 65 25.38 5.36 -1.01
CA GLU A 65 26.25 4.60 -0.09
C GLU A 65 25.67 4.44 1.32
N ASN A 66 25.18 5.52 1.90
CA ASN A 66 24.42 5.45 3.14
C ASN A 66 23.11 4.67 3.01
N THR A 67 22.46 4.72 1.85
CA THR A 67 21.29 3.84 1.63
C THR A 67 21.66 2.36 1.76
N LEU A 68 22.83 1.96 1.27
CA LEU A 68 23.19 0.53 1.16
C LEU A 68 24.03 -0.01 2.32
N SER A 69 24.67 0.87 3.05
CA SER A 69 25.49 0.50 4.22
C SER A 69 24.74 -0.50 5.11
N ASN A 70 25.26 -1.73 5.21
CA ASN A 70 24.68 -2.78 6.06
C ASN A 70 23.30 -3.31 5.68
N ALA A 71 22.79 -2.92 4.52
CA ALA A 71 21.57 -3.46 4.00
C ALA A 71 21.77 -4.95 3.71
N GLN A 72 20.79 -5.78 4.04
CA GLN A 72 20.89 -7.20 3.74
C GLN A 72 20.06 -7.63 2.61
N VAL A 73 18.99 -6.90 2.39
CA VAL A 73 18.12 -7.11 1.27
C VAL A 73 18.01 -5.78 0.53
N VAL A 74 18.18 -5.81 -0.78
CA VAL A 74 18.07 -4.65 -1.65
C VAL A 74 17.07 -4.90 -2.73
N LEU A 75 16.01 -4.09 -2.76
CA LEU A 75 14.93 -4.19 -3.81
C LEU A 75 15.22 -3.19 -4.89
N ILE A 76 15.17 -3.62 -6.15
CA ILE A 76 15.39 -2.69 -7.26
C ILE A 76 14.18 -2.63 -8.15
N PRO A 77 13.23 -1.74 -7.80
CA PRO A 77 12.13 -1.45 -8.69
C PRO A 77 12.43 -0.36 -9.71
N ALA A 78 13.63 0.23 -9.67
CA ALA A 78 13.94 1.40 -10.52
C ALA A 78 13.73 1.05 -12.00
N GLY A 79 13.40 2.00 -12.83
CA GLY A 79 13.24 1.77 -14.23
C GLY A 79 12.39 2.90 -14.72
N VAL A 80 12.19 2.99 -16.02
CA VAL A 80 11.54 4.13 -16.59
C VAL A 80 10.03 3.83 -16.79
N PRO A 81 9.14 4.84 -16.58
CA PRO A 81 7.70 4.68 -16.87
C PRO A 81 7.44 4.75 -18.37
N ARG A 82 6.75 3.78 -18.93
CA ARG A 82 6.46 3.89 -20.36
C ARG A 82 5.51 5.08 -20.60
N LYS A 83 5.97 6.01 -21.42
CA LYS A 83 5.12 7.04 -22.01
C LYS A 83 4.41 6.40 -23.20
N PRO A 84 3.38 7.06 -23.77
CA PRO A 84 2.67 6.40 -24.87
C PRO A 84 3.51 6.27 -26.17
N GLY A 85 4.69 6.87 -26.21
CA GLY A 85 5.56 6.75 -27.36
C GLY A 85 6.48 5.53 -27.36
N LEU A 86 6.96 5.15 -26.18
CA LEU A 86 8.28 4.50 -26.07
C LEU A 86 8.47 3.10 -26.62
N THR A 87 9.52 3.01 -27.44
CA THR A 87 9.92 1.79 -28.13
C THR A 87 10.33 0.63 -27.21
N ARG A 88 9.94 -0.57 -27.63
CA ARG A 88 10.30 -1.84 -27.00
C ARG A 88 11.80 -1.84 -26.70
N ASP A 89 12.59 -1.74 -27.76
CA ASP A 89 14.04 -1.80 -27.66
C ASP A 89 14.57 -0.72 -26.70
N ASP A 90 14.38 0.55 -27.07
CA ASP A 90 14.95 1.67 -26.30
C ASP A 90 14.44 1.75 -24.85
N LEU A 91 13.28 1.17 -24.53
CA LEU A 91 12.89 1.06 -23.13
C LEU A 91 13.71 0.01 -22.35
N PHE A 92 14.17 -1.05 -23.03
CA PHE A 92 15.10 -1.99 -22.42
C PHE A 92 16.42 -1.25 -22.17
N LYS A 93 17.02 -0.68 -23.21
CA LYS A 93 18.31 0.05 -23.11
C LYS A 93 18.39 1.01 -21.91
N MET A 94 17.37 1.83 -21.73
CA MET A 94 17.33 2.77 -20.59
C MET A 94 17.36 2.05 -19.25
N ASN A 95 16.57 0.99 -19.13
CA ASN A 95 16.53 0.29 -17.85
C ASN A 95 17.71 -0.62 -17.67
N ALA A 96 18.23 -1.13 -18.79
CA ALA A 96 19.49 -1.89 -18.71
C ALA A 96 20.61 -1.09 -18.06
N GLY A 97 20.75 0.15 -18.48
CA GLY A 97 21.73 1.06 -17.86
C GLY A 97 21.46 1.41 -16.39
N ILE A 98 20.18 1.49 -16.02
CA ILE A 98 19.81 1.79 -14.60
C ILE A 98 20.20 0.60 -13.73
N VAL A 99 19.79 -0.60 -14.16
CA VAL A 99 20.17 -1.77 -13.36
C VAL A 99 21.69 -1.96 -13.28
N LYS A 100 22.43 -1.76 -14.39
CA LYS A 100 23.89 -1.95 -14.30
C LYS A 100 24.43 -1.03 -13.25
N SER A 101 24.04 0.25 -13.35
CA SER A 101 24.55 1.29 -12.41
C SER A 101 24.25 0.93 -10.93
N LEU A 102 23.00 0.54 -10.66
CA LEU A 102 22.55 0.24 -9.29
C LEU A 102 23.14 -1.05 -8.72
N VAL A 103 23.25 -2.08 -9.56
CA VAL A 103 23.90 -3.37 -9.18
C VAL A 103 25.40 -3.15 -8.95
N THR A 104 26.02 -2.25 -9.69
CA THR A 104 27.42 -1.91 -9.39
C THR A 104 27.53 -1.24 -8.00
N ALA A 105 26.58 -0.38 -7.67
CA ALA A 105 26.63 0.24 -6.32
C ALA A 105 26.47 -0.81 -5.27
N VAL A 106 25.59 -1.78 -5.52
CA VAL A 106 25.47 -2.87 -4.60
C VAL A 106 26.76 -3.70 -4.47
N GLY A 107 27.37 -4.07 -5.60
CA GLY A 107 28.68 -4.77 -5.53
C GLY A 107 29.72 -4.04 -4.65
N LYS A 108 29.71 -2.70 -4.76
CA LYS A 108 30.66 -1.86 -4.06
C LYS A 108 30.30 -1.65 -2.62
N PHE A 109 29.02 -1.38 -2.31
CA PHE A 109 28.65 -0.91 -0.98
C PHE A 109 27.84 -1.93 -0.12
N ALA A 110 27.34 -3.02 -0.73
CA ALA A 110 26.72 -4.12 0.02
C ALA A 110 26.79 -5.47 -0.72
N PRO A 111 28.02 -5.98 -0.94
CA PRO A 111 28.21 -7.18 -1.76
C PRO A 111 27.53 -8.47 -1.26
N ASN A 112 27.22 -8.53 0.02
CA ASN A 112 26.56 -9.71 0.61
C ASN A 112 25.03 -9.72 0.51
N ALA A 113 24.49 -8.63 -0.03
CA ALA A 113 23.05 -8.37 0.05
C ALA A 113 22.31 -9.19 -0.93
N ARG A 114 21.10 -9.59 -0.51
CA ARG A 114 20.22 -10.30 -1.39
C ARG A 114 19.65 -9.20 -2.30
N ILE A 115 19.72 -9.42 -3.59
CA ILE A 115 19.35 -8.42 -4.58
C ILE A 115 18.10 -8.93 -5.22
N LEU A 116 17.03 -8.14 -5.10
CA LEU A 116 15.73 -8.51 -5.66
C LEU A 116 15.43 -7.58 -6.79
N VAL A 117 15.50 -8.09 -8.00
CA VAL A 117 15.29 -7.31 -9.17
C VAL A 117 13.83 -7.32 -9.48
N ILE A 118 13.23 -6.14 -9.55
CA ILE A 118 11.82 -5.96 -9.81
C ILE A 118 11.61 -5.24 -11.14
N SER A 119 12.55 -4.38 -11.55
CA SER A 119 12.43 -3.72 -12.88
C SER A 119 12.27 -4.73 -14.02
N ASN A 120 11.52 -4.31 -15.01
CA ASN A 120 11.34 -5.08 -16.25
C ASN A 120 12.08 -4.53 -17.46
N PRO A 121 12.44 -5.44 -18.41
CA PRO A 121 12.20 -6.92 -18.44
C PRO A 121 13.15 -7.76 -17.62
N VAL A 122 12.63 -8.38 -16.58
CA VAL A 122 13.38 -9.33 -15.75
C VAL A 122 14.20 -10.40 -16.55
N ASN A 123 13.64 -10.97 -17.61
CA ASN A 123 14.37 -12.02 -18.41
C ASN A 123 15.74 -11.58 -18.96
N SER A 124 15.83 -10.28 -19.27
CA SER A 124 17.08 -9.65 -19.66
C SER A 124 17.81 -8.88 -18.53
N LEU A 125 17.07 -8.27 -17.60
CA LEU A 125 17.73 -7.47 -16.55
C LEU A 125 18.48 -8.25 -15.50
N VAL A 126 18.04 -9.47 -15.14
CA VAL A 126 18.80 -10.30 -14.16
C VAL A 126 20.16 -10.75 -14.70
N PRO A 127 20.22 -11.22 -15.96
CA PRO A 127 21.52 -11.55 -16.56
C PRO A 127 22.48 -10.35 -16.57
N ILE A 128 21.95 -9.19 -16.95
CA ILE A 128 22.69 -7.93 -16.82
C ILE A 128 23.21 -7.79 -15.41
N ALA A 129 22.30 -7.92 -14.44
CA ALA A 129 22.69 -7.86 -13.03
C ALA A 129 23.77 -8.86 -12.72
N VAL A 130 23.59 -10.09 -13.22
CA VAL A 130 24.52 -11.15 -12.86
C VAL A 130 25.88 -10.95 -13.51
N GLU A 131 25.86 -10.63 -14.81
CA GLU A 131 27.10 -10.38 -15.54
C GLU A 131 27.86 -9.18 -15.02
N THR A 132 27.13 -8.10 -14.61
CA THR A 132 27.73 -6.93 -13.94
C THR A 132 28.47 -7.39 -12.69
N LEU A 133 27.77 -8.11 -11.82
CA LEU A 133 28.42 -8.62 -10.59
C LEU A 133 29.55 -9.64 -10.86
N LYS A 134 29.50 -10.32 -12.00
CA LYS A 134 30.59 -11.22 -12.34
C LYS A 134 31.89 -10.47 -12.70
N LYS A 135 31.80 -9.41 -13.51
CA LYS A 135 32.96 -8.57 -13.81
C LYS A 135 33.65 -8.04 -12.55
N MET A 136 32.88 -7.71 -11.53
CA MET A 136 33.43 -7.25 -10.25
C MET A 136 33.92 -8.38 -9.39
N GLY A 137 33.59 -9.61 -9.73
CA GLY A 137 33.97 -10.75 -8.90
C GLY A 137 33.21 -10.78 -7.58
N LYS A 138 31.96 -10.33 -7.62
CA LYS A 138 31.10 -10.23 -6.41
C LYS A 138 29.83 -11.07 -6.48
N PHE A 139 29.59 -11.77 -7.58
CA PHE A 139 28.37 -12.52 -7.75
C PHE A 139 28.33 -13.72 -6.78
N LYS A 140 27.29 -13.78 -5.95
CA LYS A 140 26.98 -14.97 -5.13
C LYS A 140 25.66 -15.44 -5.65
N PRO A 141 25.59 -16.67 -6.13
CA PRO A 141 24.45 -17.00 -6.96
C PRO A 141 23.12 -17.17 -6.20
N GLY A 142 23.23 -17.49 -4.90
CA GLY A 142 22.06 -17.55 -4.04
C GLY A 142 21.40 -16.20 -3.78
N ASN A 143 22.08 -15.11 -4.11
CA ASN A 143 21.69 -13.75 -3.70
C ASN A 143 21.19 -12.83 -4.84
N VAL A 144 20.97 -13.35 -6.04
CA VAL A 144 20.39 -12.52 -7.12
C VAL A 144 19.14 -13.25 -7.57
N MET A 145 18.00 -12.55 -7.52
CA MET A 145 16.69 -13.11 -7.73
C MET A 145 15.91 -12.12 -8.54
N GLY A 146 15.36 -12.58 -9.67
CA GLY A 146 14.38 -11.82 -10.43
C GLY A 146 13.01 -12.07 -9.83
N VAL A 147 12.35 -11.00 -9.38
CA VAL A 147 11.01 -11.12 -8.78
C VAL A 147 9.97 -11.35 -9.82
N THR A 148 9.50 -12.59 -9.86
CA THR A 148 8.53 -13.03 -10.83
C THR A 148 7.17 -13.28 -10.19
N ASN A 149 7.09 -13.15 -8.87
CA ASN A 149 5.87 -13.40 -8.07
C ASN A 149 4.59 -12.86 -8.66
N LEU A 150 4.59 -11.69 -9.30
CA LEU A 150 3.35 -11.25 -9.91
C LEU A 150 2.69 -12.25 -10.88
N ASP A 151 3.49 -13.14 -11.46
CA ASP A 151 2.94 -14.22 -12.27
C ASP A 151 2.21 -15.20 -11.37
N LEU A 152 2.78 -15.59 -10.25
CA LEU A 152 2.08 -16.47 -9.34
C LEU A 152 0.84 -15.76 -8.81
N VAL A 153 0.94 -14.47 -8.53
CA VAL A 153 -0.25 -13.70 -8.01
C VAL A 153 -1.37 -13.70 -9.00
N ARG A 154 -1.07 -13.39 -10.24
CA ARG A 154 -2.07 -13.36 -11.25
C ARG A 154 -2.66 -14.76 -11.55
N ALA A 155 -1.82 -15.79 -11.49
CA ALA A 155 -2.31 -17.12 -11.77
C ALA A 155 -3.32 -17.43 -10.66
N GLU A 156 -2.96 -17.19 -9.40
CA GLU A 156 -3.86 -17.38 -8.26
C GLU A 156 -5.17 -16.64 -8.49
N THR A 157 -5.08 -15.34 -8.73
CA THR A 157 -6.28 -14.56 -9.08
C THR A 157 -7.06 -15.09 -10.23
N PHE A 158 -6.45 -15.22 -11.40
CA PHE A 158 -7.23 -15.61 -12.62
C PHE A 158 -7.78 -17.06 -12.59
N LEU A 159 -7.12 -17.98 -11.91
CA LEU A 159 -7.69 -19.32 -11.74
C LEU A 159 -9.06 -19.22 -11.01
N VAL A 160 -9.09 -18.50 -9.89
CA VAL A 160 -10.37 -18.25 -9.26
C VAL A 160 -11.32 -17.55 -10.22
N ASP A 161 -10.90 -16.48 -10.92
CA ASP A 161 -11.87 -15.74 -11.77
C ASP A 161 -12.43 -16.62 -12.89
N TYR A 162 -11.59 -17.48 -13.44
CA TYR A 162 -12.05 -18.31 -14.57
C TYR A 162 -12.99 -19.40 -14.12
N LEU A 163 -12.71 -19.96 -12.94
CA LEU A 163 -13.59 -20.96 -12.32
C LEU A 163 -14.94 -20.33 -11.98
N MET A 164 -14.93 -19.06 -11.57
CA MET A 164 -16.16 -18.38 -11.19
C MET A 164 -16.98 -18.07 -12.43
N LEU A 165 -16.32 -17.80 -13.54
CA LEU A 165 -17.03 -17.42 -14.74
C LEU A 165 -17.74 -18.61 -15.39
N LYS A 166 -17.24 -19.81 -15.16
CA LYS A 166 -17.86 -20.95 -15.82
C LYS A 166 -18.36 -22.05 -14.91
N ASN A 167 -17.91 -22.07 -13.66
CA ASN A 167 -18.43 -23.03 -12.70
C ASN A 167 -18.57 -22.43 -11.30
N PRO A 168 -19.58 -21.54 -11.13
CA PRO A 168 -19.75 -20.76 -9.91
C PRO A 168 -19.74 -21.54 -8.61
N LYS A 169 -20.23 -22.79 -8.66
CA LYS A 169 -20.35 -23.62 -7.46
C LYS A 169 -19.00 -23.94 -6.89
N ILE A 170 -18.09 -24.33 -7.75
CA ILE A 170 -16.75 -24.65 -7.30
C ILE A 170 -15.90 -23.36 -7.22
N GLY A 171 -16.11 -22.42 -8.14
CA GLY A 171 -15.49 -21.10 -8.06
C GLY A 171 -15.60 -20.47 -6.67
N GLN A 172 -16.83 -20.40 -6.14
CA GLN A 172 -17.10 -19.73 -4.84
C GLN A 172 -16.46 -20.48 -3.65
N GLU A 173 -15.99 -21.70 -3.86
CA GLU A 173 -15.28 -22.44 -2.81
C GLU A 173 -13.76 -22.15 -2.86
N GLN A 174 -13.33 -21.29 -3.80
CA GLN A 174 -11.89 -20.94 -3.90
C GLN A 174 -11.53 -19.68 -3.13
N ASP A 175 -10.38 -19.73 -2.47
CA ASP A 175 -9.81 -18.62 -1.76
C ASP A 175 -8.53 -18.08 -2.49
N LYS A 176 -8.63 -16.88 -3.07
CA LYS A 176 -7.52 -16.35 -3.90
C LYS A 176 -6.23 -16.21 -3.12
N THR A 177 -6.31 -16.05 -1.80
CA THR A 177 -5.08 -15.86 -1.00
C THR A 177 -4.27 -17.13 -0.84
N THR A 178 -4.90 -18.28 -1.07
CA THR A 178 -4.26 -19.56 -0.82
C THR A 178 -4.11 -20.43 -2.04
N MET A 179 -4.41 -19.89 -3.23
CA MET A 179 -4.29 -20.64 -4.48
C MET A 179 -2.86 -21.15 -4.84
N HIS A 180 -1.82 -20.53 -4.28
CA HIS A 180 -0.45 -21.03 -4.45
C HIS A 180 -0.22 -22.52 -4.00
N ARG A 181 -1.10 -23.03 -3.14
CA ARG A 181 -1.17 -24.50 -2.87
C ARG A 181 -1.62 -25.32 -4.09
N LYS A 182 -2.22 -24.66 -5.07
CA LYS A 182 -2.87 -25.29 -6.22
C LYS A 182 -2.33 -24.89 -7.60
N VAL A 183 -1.43 -23.91 -7.60
CA VAL A 183 -0.79 -23.45 -8.85
C VAL A 183 0.64 -22.92 -8.62
N THR A 184 1.49 -23.24 -9.59
CA THR A 184 2.84 -22.81 -9.57
C THR A 184 3.08 -22.17 -10.95
N VAL A 185 3.88 -21.09 -10.99
CA VAL A 185 4.30 -20.48 -12.29
C VAL A 185 5.81 -20.54 -12.40
N ILE A 186 6.29 -20.92 -13.57
CA ILE A 186 7.72 -21.16 -13.71
C ILE A 186 8.16 -20.56 -15.00
N GLY A 187 9.48 -20.46 -15.20
CA GLY A 187 9.94 -19.99 -16.52
C GLY A 187 10.55 -18.60 -16.51
N GLY A 188 10.12 -17.78 -17.46
CA GLY A 188 10.44 -16.37 -17.51
C GLY A 188 9.29 -15.52 -17.02
N HIS A 189 9.33 -14.23 -17.37
CA HIS A 189 8.44 -13.21 -16.77
C HIS A 189 7.81 -12.34 -17.84
N SER A 190 7.80 -12.85 -19.06
CA SER A 190 7.21 -12.11 -20.13
C SER A 190 6.59 -13.02 -21.18
N GLY A 191 5.36 -12.67 -21.58
CA GLY A 191 4.50 -13.40 -22.51
C GLY A 191 4.66 -14.89 -22.40
N GLU A 192 4.94 -15.47 -23.56
CA GLU A 192 5.01 -16.91 -23.75
C GLU A 192 6.21 -17.53 -23.08
N THR A 193 7.01 -16.74 -22.33
CA THR A 193 8.01 -17.34 -21.49
C THR A 193 7.40 -17.72 -20.15
N ILE A 194 6.16 -17.30 -19.91
CA ILE A 194 5.54 -17.57 -18.58
C ILE A 194 4.85 -18.92 -18.59
N ILE A 195 5.14 -19.79 -17.61
CA ILE A 195 4.59 -21.15 -17.65
C ILE A 195 3.74 -21.41 -16.43
N PRO A 196 2.42 -21.33 -16.58
CA PRO A 196 1.58 -21.61 -15.37
C PRO A 196 1.34 -23.12 -15.25
N ILE A 197 1.68 -23.73 -14.10
CA ILE A 197 1.51 -25.17 -13.89
C ILE A 197 0.43 -25.35 -12.82
N ILE A 198 -0.76 -25.71 -13.24
CA ILE A 198 -1.78 -26.05 -12.24
C ILE A 198 -1.37 -27.32 -11.47
N THR A 199 -0.91 -27.21 -10.22
CA THR A 199 -0.49 -28.41 -9.46
C THR A 199 -1.67 -29.27 -8.98
N ASP A 200 -2.80 -28.66 -8.64
CA ASP A 200 -4.01 -29.40 -8.25
C ASP A 200 -4.78 -29.83 -9.52
N LYS A 201 -4.68 -31.11 -9.85
CA LYS A 201 -5.11 -31.59 -11.17
C LYS A 201 -6.65 -31.52 -11.36
N SER A 202 -7.38 -31.61 -10.24
CA SER A 202 -8.84 -31.51 -10.29
C SER A 202 -9.35 -30.18 -10.89
N LEU A 203 -8.60 -29.09 -10.67
CA LEU A 203 -9.01 -27.77 -11.19
C LEU A 203 -8.75 -27.63 -12.68
N VAL A 204 -7.82 -28.39 -13.24
CA VAL A 204 -7.65 -28.41 -14.71
C VAL A 204 -8.94 -28.94 -15.33
N PHE A 205 -9.44 -30.02 -14.74
CA PHE A 205 -10.76 -30.55 -15.10
C PHE A 205 -11.88 -29.49 -14.88
N GLN A 206 -11.95 -28.97 -13.67
CA GLN A 206 -12.96 -27.97 -13.41
C GLN A 206 -12.90 -26.77 -14.34
N LEU A 207 -11.71 -26.38 -14.82
CA LEU A 207 -11.55 -25.25 -15.74
C LEU A 207 -12.04 -25.55 -17.16
N ASP A 208 -11.86 -26.82 -17.55
CA ASP A 208 -12.30 -27.34 -18.82
C ASP A 208 -11.89 -26.41 -20.01
N LYS A 209 -12.84 -25.93 -20.82
CA LYS A 209 -12.52 -25.15 -22.04
C LYS A 209 -11.94 -23.76 -21.71
N GLN A 210 -12.03 -23.33 -20.46
CA GLN A 210 -11.37 -22.09 -20.08
C GLN A 210 -9.84 -22.24 -19.92
N TYR A 211 -9.31 -23.46 -19.87
CA TYR A 211 -7.90 -23.62 -19.47
C TYR A 211 -6.93 -22.80 -20.33
N GLU A 212 -7.17 -22.73 -21.63
CA GLU A 212 -6.23 -22.05 -22.50
C GLU A 212 -6.37 -20.57 -22.23
N HIS A 213 -7.59 -20.11 -21.97
CA HIS A 213 -7.77 -18.68 -21.71
C HIS A 213 -7.02 -18.26 -20.41
N PHE A 214 -7.13 -19.04 -19.34
CA PHE A 214 -6.30 -18.88 -18.13
C PHE A 214 -4.81 -18.77 -18.45
N ILE A 215 -4.29 -19.76 -19.16
CA ILE A 215 -2.91 -19.80 -19.50
C ILE A 215 -2.54 -18.47 -20.14
N HIS A 216 -3.30 -18.11 -21.19
CA HIS A 216 -3.06 -16.86 -21.95
C HIS A 216 -3.20 -15.60 -21.07
N ARG A 217 -4.12 -15.64 -20.10
CA ARG A 217 -4.29 -14.44 -19.28
C ARG A 217 -3.10 -14.28 -18.39
N VAL A 218 -2.58 -15.38 -17.85
CA VAL A 218 -1.40 -15.25 -17.03
C VAL A 218 -0.24 -14.73 -17.90
N GLN A 219 -0.03 -15.31 -19.06
CA GLN A 219 1.05 -14.89 -19.91
C GLN A 219 0.99 -13.41 -20.27
N PHE A 220 -0.19 -12.88 -20.60
CA PHE A 220 -0.33 -11.50 -21.12
C PHE A 220 -1.02 -10.46 -20.19
N GLY A 221 -0.87 -10.71 -18.91
CA GLY A 221 -1.43 -9.88 -17.85
C GLY A 221 -1.02 -8.43 -17.93
N GLY A 222 0.26 -8.17 -17.84
CA GLY A 222 0.84 -6.84 -18.14
C GLY A 222 0.24 -6.02 -19.26
N ASP A 223 0.19 -6.60 -20.45
CA ASP A 223 -0.30 -5.90 -21.61
C ASP A 223 -1.76 -5.59 -21.44
N GLU A 224 -2.47 -6.43 -20.70
CA GLU A 224 -3.83 -6.09 -20.37
C GLU A 224 -3.84 -4.72 -19.65
N ILE A 225 -2.93 -4.51 -18.70
CA ILE A 225 -2.97 -3.24 -17.92
C ILE A 225 -2.54 -2.03 -18.80
N VAL A 226 -1.50 -2.21 -19.63
CA VAL A 226 -1.00 -1.15 -20.55
C VAL A 226 -2.09 -0.64 -21.48
N LYS A 227 -2.85 -1.57 -22.06
CA LYS A 227 -3.98 -1.21 -22.90
C LYS A 227 -5.04 -0.47 -22.11
N ALA A 228 -5.40 -1.00 -20.94
CA ALA A 228 -6.38 -0.33 -20.08
C ALA A 228 -5.90 1.08 -19.66
N LYS A 229 -4.58 1.32 -19.57
CA LYS A 229 -4.06 2.69 -19.40
C LYS A 229 -3.74 3.43 -20.69
N GLN A 230 -4.06 2.78 -21.83
CA GLN A 230 -3.88 3.34 -23.17
C GLN A 230 -2.41 3.74 -23.43
N GLY A 231 -1.52 2.89 -22.97
CA GLY A 231 -0.10 3.10 -23.14
C GLY A 231 0.55 3.99 -22.12
N ALA A 232 -0.25 4.65 -21.29
CA ALA A 232 0.28 5.70 -20.42
C ALA A 232 0.63 5.21 -19.03
N GLY A 233 0.95 3.93 -18.93
CA GLY A 233 1.39 3.37 -17.69
C GLY A 233 1.25 1.88 -17.74
N SER A 234 1.51 1.28 -16.58
CA SER A 234 1.53 -0.17 -16.45
C SER A 234 1.11 -0.54 -15.03
N ALA A 235 1.20 -1.83 -14.72
CA ALA A 235 0.65 -2.39 -13.49
C ALA A 235 1.39 -2.05 -12.22
N THR A 236 1.49 -0.79 -11.85
CA THR A 236 2.43 -0.37 -10.80
C THR A 236 2.02 -0.85 -9.44
N LEU A 237 0.73 -0.79 -9.16
CA LEU A 237 0.20 -1.15 -7.86
C LEU A 237 0.30 -2.72 -7.54
N SER A 238 -0.08 -3.56 -8.49
CA SER A 238 0.09 -5.03 -8.32
C SER A 238 1.55 -5.48 -8.39
N MET A 239 2.38 -4.83 -9.20
CA MET A 239 3.82 -5.07 -9.18
C MET A 239 4.38 -4.77 -7.84
N ALA A 240 3.95 -3.70 -7.20
CA ALA A 240 4.39 -3.41 -5.84
C ALA A 240 3.92 -4.43 -4.76
N PHE A 241 2.65 -4.82 -4.85
CA PHE A 241 2.09 -5.88 -4.02
C PHE A 241 2.89 -7.17 -4.16
N ALA A 242 3.08 -7.62 -5.41
CA ALA A 242 3.82 -8.92 -5.56
C ALA A 242 5.25 -8.80 -5.10
N GLY A 243 5.87 -7.65 -5.36
CA GLY A 243 7.18 -7.34 -4.83
C GLY A 243 7.35 -7.34 -3.30
N ALA A 244 6.41 -6.71 -2.61
CA ALA A 244 6.43 -6.75 -1.12
C ALA A 244 6.18 -8.16 -0.63
N LYS A 245 5.28 -8.88 -1.28
CA LYS A 245 4.96 -10.24 -0.92
C LYS A 245 6.24 -11.12 -1.06
N PHE A 246 7.00 -11.01 -2.15
CA PHE A 246 8.24 -11.80 -2.30
C PHE A 246 9.28 -11.38 -1.33
N ALA A 247 9.38 -10.07 -1.14
CA ALA A 247 10.31 -9.54 -0.18
C ALA A 247 10.05 -10.13 1.19
N GLU A 248 8.79 -10.23 1.53
CA GLU A 248 8.38 -10.72 2.86
C GLU A 248 8.77 -12.23 3.04
N GLU A 249 8.63 -13.03 2.00
CA GLU A 249 9.19 -14.40 2.04
C GLU A 249 10.70 -14.39 2.24
N VAL A 250 11.38 -13.47 1.58
CA VAL A 250 12.83 -13.37 1.77
C VAL A 250 13.15 -13.07 3.21
N LEU A 251 12.45 -12.07 3.76
CA LEU A 251 12.72 -11.61 5.14
C LEU A 251 12.32 -12.70 6.17
N ARG A 252 11.25 -13.39 5.87
CA ARG A 252 10.78 -14.49 6.69
C ARG A 252 11.89 -15.53 6.84
N SER A 253 12.57 -15.85 5.72
CA SER A 253 13.75 -16.76 5.71
C SER A 253 14.78 -16.50 6.76
N PHE A 254 14.92 -15.28 7.27
CA PHE A 254 15.95 -15.07 8.30
C PHE A 254 15.55 -15.71 9.64
N HIS A 255 14.31 -16.21 9.78
CA HIS A 255 13.84 -16.72 11.09
C HIS A 255 13.30 -18.12 10.94
N ASN A 256 12.82 -18.66 12.06
CA ASN A 256 12.39 -20.09 12.17
C ASN A 256 10.95 -20.30 11.71
N GLU A 257 10.72 -19.96 10.44
CA GLU A 257 9.42 -19.97 9.84
C GLU A 257 9.44 -20.55 8.41
N LYS A 258 8.52 -21.47 8.17
CA LYS A 258 8.22 -21.91 6.83
C LYS A 258 7.73 -20.73 6.00
N PRO A 259 8.07 -20.72 4.69
CA PRO A 259 7.52 -19.67 3.84
C PRO A 259 6.01 -19.82 3.88
N GLU A 260 5.24 -18.76 3.63
CA GLU A 260 3.80 -18.89 3.44
C GLU A 260 3.44 -19.54 2.11
N THR A 261 4.08 -19.10 1.04
CA THR A 261 3.70 -19.49 -0.31
C THR A 261 4.27 -20.87 -0.60
N GLU A 262 3.48 -21.78 -1.16
CA GLU A 262 4.05 -23.07 -1.49
C GLU A 262 4.55 -23.00 -2.90
N SER A 263 5.70 -23.64 -3.12
CA SER A 263 6.44 -23.56 -4.37
C SER A 263 6.69 -22.10 -4.83
N LEU A 264 7.13 -21.25 -3.90
CA LEU A 264 7.51 -19.88 -4.25
C LEU A 264 8.64 -19.90 -5.27
N SER A 265 8.46 -19.24 -6.39
CA SER A 265 9.45 -19.15 -7.41
C SER A 265 10.09 -17.76 -7.60
N ALA A 266 11.38 -17.78 -8.00
CA ALA A 266 12.13 -16.60 -8.39
C ALA A 266 13.03 -16.95 -9.63
N PHE A 267 13.36 -15.93 -10.42
CA PHE A 267 14.17 -16.07 -11.65
C PHE A 267 15.62 -16.07 -11.21
N VAL A 268 16.28 -17.23 -11.30
CA VAL A 268 17.58 -17.41 -10.66
C VAL A 268 18.63 -18.03 -11.62
N TYR A 269 19.91 -17.92 -11.28
CA TYR A 269 21.04 -18.46 -12.07
C TYR A 269 21.29 -19.95 -11.77
N LEU A 270 20.92 -20.80 -12.70
CA LEU A 270 20.91 -22.26 -12.45
C LEU A 270 22.30 -22.83 -12.20
N PRO A 271 23.30 -22.38 -12.99
CA PRO A 271 24.59 -23.06 -12.82
C PRO A 271 25.25 -22.84 -11.47
N GLY A 272 24.79 -21.85 -10.70
CA GLY A 272 25.39 -21.58 -9.43
C GLY A 272 24.68 -22.18 -8.25
N LEU A 273 23.61 -22.97 -8.49
CA LEU A 273 22.72 -23.42 -7.37
C LEU A 273 22.40 -24.90 -7.29
N LYS A 274 22.28 -25.41 -6.08
CA LYS A 274 22.01 -26.84 -5.90
C LYS A 274 20.75 -27.34 -6.66
N ASN A 275 20.95 -28.43 -7.38
CA ASN A 275 19.99 -28.97 -8.37
C ASN A 275 19.76 -28.13 -9.62
N GLY A 276 20.58 -27.13 -9.90
CA GLY A 276 20.37 -26.28 -11.10
C GLY A 276 20.53 -27.02 -12.43
N LYS A 277 21.53 -27.91 -12.47
CA LYS A 277 21.81 -28.71 -13.68
C LYS A 277 20.67 -29.69 -13.95
N LYS A 278 20.09 -30.21 -12.86
CA LYS A 278 18.87 -31.02 -13.00
C LYS A 278 17.77 -30.20 -13.65
N ALA A 279 17.52 -28.97 -13.15
CA ALA A 279 16.52 -28.11 -13.77
C ALA A 279 16.82 -27.93 -15.27
N GLN A 280 18.07 -27.66 -15.58
CA GLN A 280 18.52 -27.52 -16.99
C GLN A 280 18.18 -28.74 -17.83
N GLN A 281 18.55 -29.89 -17.28
CA GLN A 281 18.15 -31.20 -17.85
C GLN A 281 16.64 -31.25 -18.06
N LEU A 282 15.87 -30.96 -17.02
CA LEU A 282 14.42 -31.16 -17.09
C LEU A 282 13.67 -30.14 -17.95
N VAL A 283 14.26 -28.99 -18.23
CA VAL A 283 13.59 -28.05 -19.14
C VAL A 283 14.08 -28.26 -20.54
N GLY A 284 15.09 -29.13 -20.67
CA GLY A 284 15.54 -29.59 -21.99
C GLY A 284 16.32 -28.53 -22.76
N ASP A 285 17.18 -27.81 -22.04
CA ASP A 285 18.25 -27.02 -22.62
C ASP A 285 19.27 -27.05 -21.51
N ASN A 286 20.36 -27.77 -21.78
CA ASN A 286 21.35 -28.09 -20.75
C ASN A 286 22.38 -27.00 -20.58
N SER A 287 22.26 -25.91 -21.37
CA SER A 287 23.08 -24.68 -21.18
C SER A 287 22.26 -23.40 -20.80
N ILE A 288 20.94 -23.49 -20.69
CA ILE A 288 20.18 -22.30 -20.26
C ILE A 288 20.57 -21.88 -18.85
N GLU A 289 20.91 -20.61 -18.71
CA GLU A 289 21.50 -20.14 -17.49
C GLU A 289 20.48 -19.64 -16.45
N TYR A 290 19.27 -19.28 -16.91
CA TYR A 290 18.24 -18.68 -16.03
C TYR A 290 16.86 -19.31 -16.23
N PHE A 291 16.07 -19.34 -15.15
CA PHE A 291 14.67 -19.83 -15.17
C PHE A 291 14.07 -19.49 -13.80
N SER A 292 12.79 -19.18 -13.79
CA SER A 292 12.04 -18.99 -12.56
C SER A 292 11.54 -20.34 -12.08
N LEU A 293 11.98 -20.79 -10.90
CA LEU A 293 11.59 -22.09 -10.35
C LEU A 293 11.40 -22.04 -8.88
N PRO A 294 10.64 -23.01 -8.33
CA PRO A 294 10.50 -23.01 -6.89
C PRO A 294 11.85 -23.19 -6.23
N ILE A 295 12.09 -22.41 -5.19
CA ILE A 295 13.37 -22.22 -4.59
C ILE A 295 13.22 -22.47 -3.10
N VAL A 296 14.34 -22.69 -2.42
CA VAL A 296 14.35 -22.83 -0.98
C VAL A 296 15.23 -21.72 -0.44
N LEU A 297 14.67 -20.91 0.43
CA LEU A 297 15.39 -19.81 0.99
C LEU A 297 15.84 -20.19 2.35
N ARG A 298 17.12 -19.97 2.63
CA ARG A 298 17.62 -20.09 3.98
C ARG A 298 18.35 -18.80 4.17
N ASN A 299 17.98 -18.05 5.20
CA ASN A 299 18.65 -16.79 5.46
C ASN A 299 18.70 -15.76 4.29
N GLY A 300 17.64 -15.71 3.50
CA GLY A 300 17.46 -14.76 2.41
C GLY A 300 17.97 -15.22 1.08
N SER A 301 18.73 -16.32 1.11
CA SER A 301 19.35 -16.84 -0.10
C SER A 301 18.80 -18.18 -0.46
N VAL A 302 18.60 -18.32 -1.76
CA VAL A 302 18.40 -19.56 -2.43
C VAL A 302 19.57 -20.53 -2.13
N VAL A 303 19.27 -21.59 -1.37
CA VAL A 303 20.25 -22.64 -1.07
C VAL A 303 20.13 -23.84 -2.02
N SER A 304 18.98 -23.96 -2.67
CA SER A 304 18.77 -24.93 -3.72
C SER A 304 17.46 -24.65 -4.44
N ILE A 305 17.34 -25.20 -5.64
CA ILE A 305 16.14 -25.11 -6.47
C ILE A 305 15.40 -26.40 -6.29
N ASP A 306 14.07 -26.34 -6.22
CA ASP A 306 13.22 -27.51 -6.08
C ASP A 306 12.56 -27.82 -7.42
N THR A 307 13.00 -28.89 -8.08
CA THR A 307 12.52 -29.22 -9.47
C THR A 307 11.25 -30.12 -9.57
N SER A 308 10.62 -30.46 -8.45
CA SER A 308 9.48 -31.44 -8.46
C SER A 308 8.45 -31.11 -9.51
N VAL A 309 8.04 -29.86 -9.58
CA VAL A 309 7.04 -29.47 -10.56
C VAL A 309 7.48 -29.79 -11.98
N LEU A 310 8.80 -29.84 -12.21
CA LEU A 310 9.33 -30.20 -13.52
C LEU A 310 9.11 -31.68 -13.86
N GLU A 311 9.04 -32.51 -12.84
CA GLU A 311 9.01 -33.95 -13.02
C GLU A 311 7.64 -34.56 -13.26
N LYS A 312 6.57 -33.77 -13.18
CA LYS A 312 5.20 -34.28 -13.32
C LYS A 312 4.40 -33.43 -14.33
N LEU A 313 5.06 -33.01 -15.40
CA LEU A 313 4.43 -32.10 -16.35
C LEU A 313 3.48 -32.86 -17.22
N SER A 314 2.37 -32.25 -17.59
CA SER A 314 1.46 -32.82 -18.60
C SER A 314 2.03 -32.55 -19.98
N PRO A 315 1.52 -33.24 -21.04
CA PRO A 315 1.98 -32.94 -22.43
C PRO A 315 1.84 -31.47 -22.85
N ARG A 316 0.74 -30.84 -22.47
CA ARG A 316 0.55 -29.41 -22.78
C ARG A 316 1.65 -28.55 -22.14
N GLU A 317 1.83 -28.77 -20.84
CA GLU A 317 2.85 -28.09 -20.03
C GLU A 317 4.33 -28.32 -20.48
N GLU A 318 4.65 -29.48 -21.04
CA GLU A 318 5.93 -29.68 -21.77
C GLU A 318 5.98 -28.81 -23.02
N GLN A 319 4.86 -28.68 -23.71
CA GLN A 319 4.87 -27.83 -24.91
C GLN A 319 5.12 -26.37 -24.52
N LEU A 320 4.50 -25.92 -23.43
CA LEU A 320 4.73 -24.56 -22.95
C LEU A 320 6.19 -24.42 -22.61
N VAL A 321 6.78 -25.44 -21.98
CA VAL A 321 8.15 -25.33 -21.53
C VAL A 321 9.07 -25.16 -22.72
N ASN A 322 8.90 -25.97 -23.75
CA ASN A 322 9.74 -25.86 -24.94
C ASN A 322 9.60 -24.50 -25.68
N THR A 323 8.39 -24.08 -25.98
CA THR A 323 8.18 -22.75 -26.57
C THR A 323 8.76 -21.62 -25.68
N ALA A 324 8.59 -21.75 -24.37
CA ALA A 324 9.10 -20.74 -23.45
C ALA A 324 10.63 -20.78 -23.37
N VAL A 325 11.24 -21.96 -23.46
CA VAL A 325 12.69 -22.05 -23.43
C VAL A 325 13.35 -21.33 -24.64
N LYS A 326 12.77 -21.46 -25.83
CA LYS A 326 13.35 -20.88 -27.06
C LYS A 326 13.40 -19.37 -26.96
N GLU A 327 12.24 -18.77 -26.71
CA GLU A 327 12.15 -17.31 -26.60
C GLU A 327 12.82 -16.78 -25.29
N LEU A 328 13.10 -17.61 -24.31
CA LEU A 328 13.74 -17.13 -23.09
C LEU A 328 15.27 -17.11 -23.23
N ARG A 329 15.80 -18.00 -24.08
CA ARG A 329 17.23 -18.02 -24.45
C ARG A 329 17.60 -16.70 -25.14
N LYS A 330 16.74 -16.28 -26.06
CA LYS A 330 16.89 -15.01 -26.72
C LYS A 330 16.95 -13.83 -25.72
N ASN A 331 16.01 -13.77 -24.75
CA ASN A 331 15.96 -12.68 -23.78
C ASN A 331 17.23 -12.63 -22.96
N ILE A 332 17.64 -13.77 -22.44
CA ILE A 332 18.86 -13.90 -21.68
C ILE A 332 20.08 -13.41 -22.47
N GLU A 333 20.16 -13.74 -23.77
CA GLU A 333 21.32 -13.36 -24.59
C GLU A 333 21.35 -11.87 -24.89
N LYS A 334 20.19 -11.28 -25.21
CA LYS A 334 20.06 -9.82 -25.35
C LYS A 334 20.52 -9.00 -24.10
N GLY A 335 20.52 -9.64 -22.92
CA GLY A 335 20.96 -9.02 -21.69
C GLY A 335 22.40 -9.29 -21.41
N LYS A 336 22.86 -10.50 -21.74
CA LYS A 336 24.28 -10.77 -21.63
C LYS A 336 25.06 -9.90 -22.60
N SER A 337 24.52 -9.64 -23.81
CA SER A 337 25.23 -8.88 -24.86
C SER A 337 25.28 -7.34 -24.65
N PHE A 338 24.37 -6.83 -23.81
CA PHE A 338 24.49 -5.46 -23.27
C PHE A 338 25.63 -5.35 -22.28
N ILE A 339 26.02 -6.42 -21.59
CA ILE A 339 27.24 -6.34 -20.75
C ILE A 339 28.51 -6.85 -21.50
N LEU A 340 28.41 -7.94 -22.24
CA LEU A 340 29.59 -8.62 -22.79
C LEU A 340 30.10 -8.13 -24.16
N ASP A 341 29.48 -7.07 -24.72
CA ASP A 341 29.95 -6.44 -25.96
C ASP A 341 30.26 -4.96 -25.73
N MET B 3 -22.59 -9.01 1.86
CA MET B 3 -21.55 -8.55 0.91
C MET B 3 -21.33 -7.03 1.03
N VAL B 4 -20.12 -6.62 1.35
CA VAL B 4 -19.84 -5.22 1.52
C VAL B 4 -19.12 -4.63 0.30
N LYS B 5 -19.71 -3.55 -0.18
CA LYS B 5 -19.17 -2.75 -1.21
C LYS B 5 -18.61 -1.40 -0.63
N VAL B 6 -17.35 -1.15 -0.96
CA VAL B 6 -16.68 0.13 -0.75
C VAL B 6 -16.52 0.84 -2.05
N ALA B 7 -16.95 2.10 -2.06
CA ALA B 7 -16.65 3.06 -3.14
C ALA B 7 -15.58 4.05 -2.73
N ILE B 8 -14.62 4.31 -3.61
CA ILE B 8 -13.61 5.37 -3.41
C ILE B 8 -13.76 6.47 -4.45
N LEU B 9 -14.06 7.64 -3.94
CA LEU B 9 -14.25 8.81 -4.78
C LEU B 9 -12.99 9.70 -4.68
N GLY B 10 -12.26 9.83 -5.79
CA GLY B 10 -10.94 10.45 -5.84
C GLY B 10 -9.86 9.40 -5.81
N ALA B 11 -10.13 8.25 -6.48
CA ALA B 11 -9.27 7.09 -6.36
C ALA B 11 -7.91 7.21 -7.08
N SER B 12 -7.76 8.20 -7.97
CA SER B 12 -6.56 8.35 -8.80
C SER B 12 -5.60 9.39 -8.29
N GLY B 13 -5.93 10.13 -7.25
CA GLY B 13 -5.02 11.12 -6.71
C GLY B 13 -3.91 10.55 -5.88
N GLY B 14 -3.17 11.46 -5.22
CA GLY B 14 -2.00 11.07 -4.50
C GLY B 14 -2.38 10.24 -3.27
N VAL B 15 -3.41 10.62 -2.53
CA VAL B 15 -3.88 9.73 -1.47
C VAL B 15 -4.68 8.53 -2.06
N GLY B 16 -5.56 8.81 -3.02
CA GLY B 16 -6.49 7.89 -3.52
C GLY B 16 -5.93 6.59 -4.03
N GLN B 17 -4.75 6.64 -4.62
CA GLN B 17 -4.18 5.43 -5.27
C GLN B 17 -3.67 4.41 -4.31
N PRO B 18 -2.80 4.82 -3.36
CA PRO B 18 -2.39 3.90 -2.26
C PRO B 18 -3.53 3.48 -1.34
N LEU B 19 -4.51 4.36 -1.12
CA LEU B 19 -5.73 3.95 -0.38
C LEU B 19 -6.48 2.79 -1.10
N SER B 20 -6.60 2.88 -2.41
CA SER B 20 -7.29 1.87 -3.19
C SER B 20 -6.55 0.55 -3.09
N LEU B 21 -5.21 0.62 -3.13
CA LEU B 21 -4.37 -0.59 -2.94
C LEU B 21 -4.60 -1.20 -1.56
N LEU B 22 -4.60 -0.37 -0.52
CA LEU B 22 -4.73 -0.92 0.82
C LEU B 22 -6.13 -1.58 0.99
N LEU B 23 -7.13 -0.95 0.42
CA LEU B 23 -8.51 -1.48 0.51
C LEU B 23 -8.71 -2.81 -0.22
N LYS B 24 -8.08 -2.96 -1.41
CA LYS B 24 -8.07 -4.21 -2.18
C LYS B 24 -7.52 -5.34 -1.33
N LEU B 25 -6.64 -5.04 -0.40
CA LEU B 25 -6.10 -6.04 0.52
C LEU B 25 -6.99 -6.45 1.71
N SER B 26 -8.07 -5.72 1.92
CA SER B 26 -8.95 -5.97 3.08
C SER B 26 -9.74 -7.22 2.86
N PRO B 27 -9.66 -8.18 3.79
CA PRO B 27 -10.55 -9.32 3.68
C PRO B 27 -12.04 -9.03 4.07
N TYR B 28 -12.41 -7.79 4.41
CA TYR B 28 -13.79 -7.47 4.79
C TYR B 28 -14.59 -6.92 3.62
N VAL B 29 -13.93 -6.71 2.50
CA VAL B 29 -14.56 -6.06 1.39
C VAL B 29 -14.86 -7.08 0.34
N SER B 30 -16.06 -7.03 -0.21
CA SER B 30 -16.33 -7.97 -1.23
C SER B 30 -16.41 -7.29 -2.61
N GLU B 31 -16.79 -6.01 -2.67
CA GLU B 31 -16.73 -5.22 -3.91
C GLU B 31 -16.08 -3.87 -3.68
N LEU B 32 -15.15 -3.48 -4.56
CA LEU B 32 -14.42 -2.24 -4.45
C LEU B 32 -14.63 -1.52 -5.75
N ALA B 33 -15.24 -0.34 -5.68
CA ALA B 33 -15.51 0.48 -6.83
C ALA B 33 -14.66 1.74 -6.70
N LEU B 34 -13.87 2.03 -7.74
CA LEU B 34 -13.02 3.19 -7.82
C LEU B 34 -13.54 4.26 -8.79
N TYR B 35 -13.66 5.51 -8.30
CA TYR B 35 -14.08 6.65 -9.12
C TYR B 35 -13.15 7.87 -9.07
N ASP B 36 -12.99 8.51 -10.24
CA ASP B 36 -12.35 9.83 -10.33
C ASP B 36 -12.57 10.40 -11.74
N ILE B 37 -12.17 11.65 -11.97
CA ILE B 37 -12.41 12.28 -13.24
C ILE B 37 -11.47 11.75 -14.31
N ARG B 38 -10.36 11.11 -13.95
CA ARG B 38 -9.50 10.48 -14.92
C ARG B 38 -8.89 9.23 -14.24
N ALA B 39 -8.52 8.26 -15.08
CA ALA B 39 -7.64 7.15 -14.77
C ALA B 39 -8.10 6.06 -13.84
N ALA B 40 -9.32 6.13 -13.29
CA ALA B 40 -9.74 5.07 -12.31
C ALA B 40 -9.94 3.69 -12.92
N GLU B 41 -10.48 3.63 -14.13
CA GLU B 41 -10.59 2.32 -14.81
C GLU B 41 -9.28 1.57 -14.86
N GLY B 42 -8.23 2.28 -15.26
CA GLY B 42 -6.87 1.70 -15.33
C GLY B 42 -6.35 1.21 -14.04
N ILE B 43 -6.57 2.01 -12.98
CA ILE B 43 -6.11 1.64 -11.67
C ILE B 43 -6.93 0.46 -11.13
N GLY B 44 -8.22 0.51 -11.35
CA GLY B 44 -9.03 -0.58 -10.90
C GLY B 44 -8.65 -1.88 -11.61
N LYS B 45 -8.31 -1.80 -12.89
CA LYS B 45 -7.89 -3.00 -13.64
C LYS B 45 -6.59 -3.55 -13.11
N ASP B 46 -5.63 -2.66 -12.83
CA ASP B 46 -4.34 -3.04 -12.21
C ASP B 46 -4.58 -3.77 -10.86
N LEU B 47 -5.38 -3.14 -9.99
CA LEU B 47 -5.73 -3.77 -8.68
C LEU B 47 -6.58 -5.07 -8.81
N SER B 48 -7.40 -5.24 -9.84
CA SER B 48 -8.16 -6.51 -9.97
C SER B 48 -7.24 -7.75 -10.07
N HIS B 49 -5.92 -7.59 -10.30
CA HIS B 49 -5.02 -8.74 -10.51
C HIS B 49 -4.53 -9.29 -9.19
N ILE B 50 -4.67 -8.51 -8.12
CA ILE B 50 -4.22 -8.93 -6.79
C ILE B 50 -5.04 -10.11 -6.27
N ASN B 51 -4.38 -11.09 -5.68
CA ASN B 51 -5.04 -12.33 -5.34
C ASN B 51 -5.75 -12.23 -3.99
N THR B 52 -6.66 -11.25 -3.88
CA THR B 52 -7.56 -11.14 -2.71
C THR B 52 -9.01 -11.21 -3.20
N ASN B 53 -9.91 -11.60 -2.29
CA ASN B 53 -11.32 -11.90 -2.61
C ASN B 53 -12.21 -10.72 -2.51
N SER B 54 -12.07 -9.85 -3.47
CA SER B 54 -12.95 -8.72 -3.66
C SER B 54 -12.88 -8.45 -5.13
N SER B 55 -13.99 -8.10 -5.77
CA SER B 55 -13.95 -7.74 -7.15
C SER B 55 -13.74 -6.22 -7.23
N CYS B 56 -12.79 -5.77 -8.02
CA CYS B 56 -12.43 -4.37 -8.07
C CYS B 56 -12.62 -3.82 -9.46
N VAL B 57 -13.43 -2.77 -9.58
CA VAL B 57 -13.70 -2.13 -10.84
C VAL B 57 -13.56 -0.63 -10.68
N GLY B 58 -12.95 0.01 -11.68
CA GLY B 58 -12.87 1.45 -11.68
C GLY B 58 -13.74 1.96 -12.74
N TYR B 59 -14.07 3.24 -12.65
CA TYR B 59 -15.10 3.86 -13.45
C TYR B 59 -14.69 5.25 -13.90
N ASP B 60 -15.31 5.62 -15.02
CA ASP B 60 -15.00 6.84 -15.67
C ASP B 60 -15.76 8.00 -15.08
N LYS B 61 -15.40 9.20 -15.52
CA LYS B 61 -15.92 10.44 -14.97
C LYS B 61 -17.42 10.47 -14.95
N ASP B 62 -18.04 9.74 -15.88
CA ASP B 62 -19.50 9.83 -16.08
C ASP B 62 -20.24 8.76 -15.33
N SER B 63 -19.56 7.88 -14.60
CA SER B 63 -20.24 6.72 -14.06
C SER B 63 -20.27 6.65 -12.53
N ILE B 64 -20.57 7.78 -11.90
CA ILE B 64 -20.49 7.84 -10.41
C ILE B 64 -21.67 7.10 -9.81
N GLU B 65 -22.79 7.08 -10.55
CA GLU B 65 -23.94 6.24 -10.21
C GLU B 65 -23.58 4.76 -10.12
N ASN B 66 -22.91 4.21 -11.12
CA ASN B 66 -22.49 2.79 -11.00
C ASN B 66 -21.47 2.63 -9.88
N THR B 67 -20.59 3.63 -9.70
CA THR B 67 -19.60 3.49 -8.64
C THR B 67 -20.33 3.34 -7.30
N LEU B 68 -21.30 4.20 -7.08
CA LEU B 68 -21.92 4.29 -5.72
C LEU B 68 -23.10 3.31 -5.43
N SER B 69 -23.63 2.66 -6.47
CA SER B 69 -24.88 1.88 -6.34
C SER B 69 -24.63 0.70 -5.43
N ASN B 70 -25.50 0.52 -4.45
CA ASN B 70 -25.35 -0.49 -3.37
C ASN B 70 -24.08 -0.37 -2.53
N ALA B 71 -23.42 0.80 -2.53
CA ALA B 71 -22.24 0.97 -1.72
C ALA B 71 -22.67 1.17 -0.27
N GLN B 72 -22.09 0.40 0.65
CA GLN B 72 -22.26 0.62 2.11
C GLN B 72 -21.29 1.60 2.71
N VAL B 73 -20.03 1.66 2.21
CA VAL B 73 -19.01 2.59 2.68
C VAL B 73 -18.49 3.45 1.53
N VAL B 74 -18.46 4.77 1.69
CA VAL B 74 -17.89 5.63 0.68
C VAL B 74 -16.71 6.39 1.27
N LEU B 75 -15.52 6.19 0.69
CA LEU B 75 -14.30 6.87 1.12
C LEU B 75 -14.12 8.02 0.18
N ILE B 76 -13.91 9.23 0.70
CA ILE B 76 -13.72 10.41 -0.16
C ILE B 76 -12.31 10.99 0.08
N PRO B 77 -11.33 10.46 -0.62
CA PRO B 77 -10.05 11.14 -0.50
C PRO B 77 -9.81 12.28 -1.53
N ALA B 78 -10.79 12.62 -2.34
CA ALA B 78 -10.65 13.56 -3.42
C ALA B 78 -10.28 14.95 -2.88
N GLY B 79 -9.62 15.75 -3.71
CA GLY B 79 -9.14 17.06 -3.25
C GLY B 79 -7.84 17.46 -3.89
N VAL B 80 -7.58 18.75 -3.93
CA VAL B 80 -6.35 19.25 -4.45
C VAL B 80 -5.36 19.17 -3.29
N PRO B 81 -4.15 18.68 -3.58
CA PRO B 81 -3.04 18.61 -2.61
C PRO B 81 -2.46 19.96 -2.23
N ARG B 82 -1.66 20.03 -1.15
CA ARG B 82 -0.86 21.24 -0.92
C ARG B 82 0.20 21.36 -2.03
N LYS B 83 0.40 22.59 -2.54
CA LYS B 83 1.40 22.91 -3.59
C LYS B 83 1.89 24.40 -3.51
N PRO B 84 3.10 24.67 -3.96
CA PRO B 84 3.70 25.94 -3.58
C PRO B 84 2.90 27.21 -3.91
N GLY B 85 2.26 27.24 -5.06
CA GLY B 85 1.59 28.49 -5.51
C GLY B 85 0.13 28.50 -5.12
N LEU B 86 -0.28 27.65 -4.18
CA LEU B 86 -1.70 27.58 -3.83
C LEU B 86 -1.91 28.04 -2.39
N THR B 87 -2.79 28.98 -2.11
CA THR B 87 -3.01 29.32 -0.69
C THR B 87 -4.00 28.36 -0.04
N ARG B 88 -3.94 28.32 1.28
CA ARG B 88 -4.80 27.48 2.09
C ARG B 88 -6.25 27.85 1.89
N ASP B 89 -6.57 29.14 1.79
CA ASP B 89 -7.93 29.54 1.43
C ASP B 89 -8.42 29.07 0.01
N ASP B 90 -7.60 29.16 -1.04
CA ASP B 90 -8.02 28.64 -2.37
C ASP B 90 -8.08 27.14 -2.30
N LEU B 91 -7.13 26.55 -1.58
CA LEU B 91 -7.14 25.09 -1.40
C LEU B 91 -8.47 24.68 -0.77
N PHE B 92 -8.85 25.39 0.30
CA PHE B 92 -10.11 25.13 0.96
C PHE B 92 -11.31 25.30 0.02
N LYS B 93 -11.35 26.41 -0.71
CA LYS B 93 -12.50 26.69 -1.56
C LYS B 93 -12.64 25.65 -2.70
N MET B 94 -11.54 25.17 -3.24
CA MET B 94 -11.61 24.12 -4.27
C MET B 94 -12.06 22.80 -3.69
N ASN B 95 -11.51 22.41 -2.52
CA ASN B 95 -11.91 21.16 -1.93
C ASN B 95 -13.30 21.22 -1.39
N ALA B 96 -13.77 22.43 -1.07
CA ALA B 96 -15.14 22.58 -0.66
C ALA B 96 -16.06 22.18 -1.84
N GLY B 97 -15.69 22.58 -3.05
CA GLY B 97 -16.53 22.32 -4.27
C GLY B 97 -16.49 20.86 -4.64
N ILE B 98 -15.34 20.26 -4.55
CA ILE B 98 -15.19 18.79 -4.78
C ILE B 98 -16.04 17.95 -3.81
N VAL B 99 -15.93 18.24 -2.52
CA VAL B 99 -16.68 17.52 -1.55
C VAL B 99 -18.20 17.69 -1.72
N LYS B 100 -18.67 18.92 -1.94
CA LYS B 100 -20.10 19.13 -2.05
C LYS B 100 -20.63 18.34 -3.25
N SER B 101 -19.89 18.40 -4.35
CA SER B 101 -20.31 17.71 -5.56
C SER B 101 -20.31 16.16 -5.34
N LEU B 102 -19.23 15.63 -4.80
CA LEU B 102 -19.17 14.21 -4.48
C LEU B 102 -20.21 13.78 -3.44
N VAL B 103 -20.46 14.62 -2.44
CA VAL B 103 -21.36 14.22 -1.35
C VAL B 103 -22.80 14.30 -1.83
N THR B 104 -23.07 15.23 -2.73
CA THR B 104 -24.36 15.28 -3.40
C THR B 104 -24.67 13.98 -4.21
N ALA B 105 -23.66 13.44 -4.86
CA ALA B 105 -23.78 12.20 -5.61
C ALA B 105 -24.11 11.09 -4.63
N VAL B 106 -23.46 11.08 -3.45
CA VAL B 106 -23.77 10.06 -2.42
C VAL B 106 -25.22 10.20 -2.00
N GLY B 107 -25.67 11.42 -1.74
CA GLY B 107 -27.09 11.69 -1.47
C GLY B 107 -28.09 11.14 -2.47
N LYS B 108 -27.80 11.25 -3.76
CA LYS B 108 -28.65 10.71 -4.84
C LYS B 108 -28.56 9.20 -4.99
N PHE B 109 -27.33 8.67 -4.96
CA PHE B 109 -27.08 7.29 -5.37
C PHE B 109 -26.81 6.27 -4.26
N ALA B 110 -26.44 6.71 -3.05
CA ALA B 110 -26.23 5.78 -1.91
C ALA B 110 -26.37 6.52 -0.60
N PRO B 111 -27.56 7.13 -0.39
CA PRO B 111 -27.87 7.89 0.84
C PRO B 111 -27.70 7.15 2.17
N ASN B 112 -27.74 5.83 2.20
CA ASN B 112 -27.45 5.13 3.45
C ASN B 112 -26.00 4.73 3.68
N ALA B 113 -25.13 5.07 2.74
CA ALA B 113 -23.67 4.78 2.90
C ALA B 113 -23.06 5.42 4.13
N ARG B 114 -22.07 4.75 4.74
CA ARG B 114 -21.18 5.40 5.73
C ARG B 114 -20.17 6.22 4.88
N ILE B 115 -20.12 7.50 5.15
CA ILE B 115 -19.33 8.43 4.37
C ILE B 115 -18.12 8.86 5.18
N LEU B 116 -16.97 8.40 4.73
CA LEU B 116 -15.69 8.71 5.37
C LEU B 116 -14.93 9.81 4.60
N VAL B 117 -14.97 11.01 5.15
CA VAL B 117 -14.34 12.15 4.51
C VAL B 117 -12.85 12.21 4.87
N ILE B 118 -12.00 12.09 3.86
CA ILE B 118 -10.55 12.11 4.04
C ILE B 118 -10.01 13.44 3.55
N SER B 119 -10.60 14.04 2.53
CA SER B 119 -10.18 15.37 2.04
C SER B 119 -9.90 16.41 3.17
N ASN B 120 -8.80 17.12 3.06
CA ASN B 120 -8.49 18.28 3.91
C ASN B 120 -8.82 19.64 3.31
N PRO B 121 -9.21 20.61 4.17
CA PRO B 121 -9.22 20.48 5.65
C PRO B 121 -10.48 19.82 6.22
N VAL B 122 -10.34 18.69 6.92
CA VAL B 122 -11.42 18.02 7.60
C VAL B 122 -12.23 18.94 8.46
N ASN B 123 -11.60 19.85 9.24
CA ASN B 123 -12.43 20.69 10.12
C ASN B 123 -13.50 21.52 9.41
N SER B 124 -13.22 22.00 8.20
CA SER B 124 -14.17 22.81 7.41
C SER B 124 -14.98 22.00 6.39
N LEU B 125 -14.46 20.87 5.93
CA LEU B 125 -15.13 20.11 4.84
C LEU B 125 -16.21 19.16 5.32
N VAL B 126 -16.04 18.56 6.51
CA VAL B 126 -17.15 17.82 7.09
C VAL B 126 -18.40 18.67 7.29
N PRO B 127 -18.25 19.88 7.81
CA PRO B 127 -19.52 20.62 7.87
C PRO B 127 -20.13 20.88 6.47
N ILE B 128 -19.26 21.10 5.49
CA ILE B 128 -19.81 21.20 4.14
C ILE B 128 -20.55 19.91 3.74
N ALA B 129 -19.99 18.76 4.03
CA ALA B 129 -20.74 17.52 3.76
C ALA B 129 -22.05 17.36 4.52
N VAL B 130 -22.07 17.71 5.82
CA VAL B 130 -23.30 17.59 6.58
C VAL B 130 -24.38 18.54 6.05
N GLU B 131 -24.01 19.78 5.86
CA GLU B 131 -24.99 20.75 5.41
C GLU B 131 -25.52 20.37 4.03
N THR B 132 -24.65 19.89 3.14
CA THR B 132 -25.09 19.34 1.85
C THR B 132 -26.12 18.18 2.03
N LEU B 133 -25.82 17.17 2.84
CA LEU B 133 -26.80 16.14 3.13
C LEU B 133 -28.06 16.66 3.84
N LYS B 134 -27.94 17.60 4.78
CA LYS B 134 -29.15 18.19 5.41
C LYS B 134 -30.07 18.85 4.39
N LYS B 135 -29.55 19.76 3.57
CA LYS B 135 -30.29 20.31 2.44
C LYS B 135 -31.02 19.28 1.54
N MET B 136 -30.47 18.10 1.33
CA MET B 136 -31.18 17.14 0.47
C MET B 136 -32.18 16.34 1.29
N GLY B 137 -32.17 16.46 2.61
CA GLY B 137 -32.97 15.60 3.43
C GLY B 137 -32.37 14.24 3.63
N LYS B 138 -31.04 14.09 3.53
CA LYS B 138 -30.40 12.74 3.61
C LYS B 138 -29.36 12.52 4.74
N PHE B 139 -29.34 13.41 5.73
CA PHE B 139 -28.31 13.34 6.73
C PHE B 139 -28.62 12.41 7.89
N LYS B 140 -27.78 11.41 8.07
CA LYS B 140 -27.80 10.50 9.23
C LYS B 140 -26.49 10.68 9.98
N PRO B 141 -26.56 11.22 11.21
CA PRO B 141 -25.36 11.59 11.95
C PRO B 141 -24.39 10.45 12.22
N GLY B 142 -24.87 9.25 12.43
CA GLY B 142 -23.96 8.18 12.61
C GLY B 142 -23.15 7.74 11.41
N ASN B 143 -23.39 8.35 10.27
CA ASN B 143 -22.86 7.82 9.00
C ASN B 143 -21.95 8.80 8.29
N VAL B 144 -21.59 9.88 8.95
CA VAL B 144 -20.72 10.85 8.33
C VAL B 144 -19.60 11.01 9.31
N MET B 145 -18.39 10.61 8.89
CA MET B 145 -17.21 10.67 9.75
C MET B 145 -16.03 11.39 9.06
N GLY B 146 -15.46 12.40 9.68
CA GLY B 146 -14.22 12.98 9.20
C GLY B 146 -13.09 12.14 9.71
N VAL B 147 -12.23 11.72 8.79
CA VAL B 147 -11.19 10.75 9.10
C VAL B 147 -9.97 11.48 9.68
N THR B 148 -9.74 11.36 10.99
CA THR B 148 -8.69 12.07 11.71
C THR B 148 -7.62 11.11 12.20
N ASN B 149 -7.74 9.85 11.80
CA ASN B 149 -6.92 8.75 12.32
C ASN B 149 -5.39 8.92 12.13
N LEU B 150 -5.00 9.64 11.09
CA LEU B 150 -3.60 9.96 10.92
C LEU B 150 -3.02 10.70 12.17
N ASP B 151 -3.81 11.54 12.89
CA ASP B 151 -3.24 12.22 14.08
C ASP B 151 -2.87 11.15 15.18
N LEU B 152 -3.72 10.15 15.36
CA LEU B 152 -3.47 9.00 16.26
C LEU B 152 -2.30 8.22 15.86
N VAL B 153 -2.21 7.90 14.56
CA VAL B 153 -1.05 7.20 14.03
C VAL B 153 0.23 7.87 14.38
N ARG B 154 0.31 9.17 14.07
CA ARG B 154 1.50 9.95 14.37
C ARG B 154 1.73 10.01 15.91
N ALA B 155 0.65 10.13 16.67
CA ALA B 155 0.79 10.23 18.18
C ALA B 155 1.39 8.90 18.69
N GLU B 156 0.94 7.78 18.15
CA GLU B 156 1.50 6.49 18.50
C GLU B 156 2.97 6.40 18.13
N THR B 157 3.30 6.91 16.93
CA THR B 157 4.67 6.82 16.42
C THR B 157 5.57 7.72 17.23
N PHE B 158 5.16 8.96 17.42
CA PHE B 158 6.02 9.92 18.15
C PHE B 158 6.15 9.64 19.65
N LEU B 159 5.12 9.12 20.29
CA LEU B 159 5.27 8.78 21.71
C LEU B 159 6.47 7.89 21.86
N VAL B 160 6.57 6.84 21.04
CA VAL B 160 7.69 5.94 21.06
C VAL B 160 8.98 6.65 20.70
N ASP B 161 8.96 7.47 19.65
CA ASP B 161 10.18 8.13 19.23
C ASP B 161 10.68 9.06 20.35
N TYR B 162 9.79 9.80 21.00
CA TYR B 162 10.26 10.73 22.05
C TYR B 162 10.75 9.97 23.28
N LEU B 163 10.08 8.89 23.62
CA LEU B 163 10.55 8.01 24.69
C LEU B 163 11.88 7.33 24.36
N MET B 164 12.06 6.85 23.13
CA MET B 164 13.38 6.33 22.69
C MET B 164 14.48 7.38 22.86
N LEU B 165 14.19 8.63 22.57
CA LEU B 165 15.10 9.75 22.85
C LEU B 165 15.37 9.98 24.36
N LYS B 166 14.36 9.92 25.21
CA LYS B 166 14.52 10.44 26.58
C LYS B 166 15.19 9.39 27.47
N ASN B 167 14.72 8.15 27.43
CA ASN B 167 15.49 7.04 27.96
C ASN B 167 15.11 5.79 27.20
N PRO B 168 16.05 5.28 26.38
CA PRO B 168 15.69 4.10 25.60
C PRO B 168 15.10 2.93 26.41
N LYS B 169 15.19 2.95 27.74
CA LYS B 169 14.73 1.80 28.51
C LYS B 169 13.25 1.60 28.34
N ILE B 170 12.44 2.60 28.66
CA ILE B 170 11.00 2.45 28.44
C ILE B 170 10.68 2.48 26.93
N GLY B 171 11.41 3.28 26.16
CA GLY B 171 11.27 3.33 24.69
C GLY B 171 11.36 1.99 23.97
N GLN B 172 12.47 1.27 24.17
CA GLN B 172 12.65 -0.07 23.57
C GLN B 172 11.64 -1.11 24.08
N GLU B 173 10.83 -0.76 25.08
CA GLU B 173 9.70 -1.59 25.53
C GLU B 173 8.38 -1.33 24.76
N GLN B 174 8.31 -0.24 24.01
CA GLN B 174 7.07 0.11 23.34
C GLN B 174 6.97 -0.58 21.99
N ASP B 175 5.75 -0.84 21.62
CA ASP B 175 5.48 -1.34 20.36
C ASP B 175 4.66 -0.26 19.63
N LYS B 176 5.18 0.30 18.55
CA LYS B 176 4.41 1.35 17.90
C LYS B 176 3.00 0.91 17.46
N THR B 177 2.86 -0.36 17.06
CA THR B 177 1.57 -0.92 16.61
C THR B 177 0.50 -0.96 17.71
N THR B 178 0.89 -0.98 18.98
CA THR B 178 -0.10 -1.08 20.07
C THR B 178 -0.23 0.16 21.02
N MET B 179 0.27 1.32 20.59
CA MET B 179 0.35 2.49 21.43
C MET B 179 -0.98 3.24 21.68
N HIS B 180 -1.99 2.93 20.88
CA HIS B 180 -3.33 3.46 21.08
C HIS B 180 -3.99 3.08 22.43
N ARG B 181 -3.47 2.04 23.07
CA ARG B 181 -3.83 1.76 24.45
C ARG B 181 -3.21 2.81 25.35
N LYS B 182 -2.26 3.59 24.85
CA LYS B 182 -1.56 4.56 25.69
C LYS B 182 -1.78 6.03 25.31
N VAL B 183 -2.41 6.27 24.16
CA VAL B 183 -2.63 7.62 23.62
C VAL B 183 -3.87 7.61 22.75
N THR B 184 -4.57 8.74 22.88
CA THR B 184 -5.81 9.07 22.26
C THR B 184 -5.69 10.50 21.72
N VAL B 185 -6.31 10.80 20.56
CA VAL B 185 -6.22 12.15 19.99
C VAL B 185 -7.59 12.68 19.71
N ILE B 186 -7.86 13.91 20.08
CA ILE B 186 -9.18 14.43 19.92
C ILE B 186 -9.05 15.85 19.40
N GLY B 187 -10.18 16.48 19.12
CA GLY B 187 -10.27 17.85 18.62
C GLY B 187 -10.60 17.95 17.13
N GLY B 188 -9.78 18.73 16.44
CA GLY B 188 -9.87 18.85 14.97
C GLY B 188 -8.68 18.17 14.37
N HIS B 189 -8.39 18.51 13.12
CA HIS B 189 -7.44 17.73 12.35
C HIS B 189 -6.34 18.59 11.77
N SER B 190 -6.16 19.78 12.34
CA SER B 190 -5.10 20.67 11.89
C SER B 190 -4.52 21.52 13.00
N GLY B 191 -3.19 21.52 13.11
CA GLY B 191 -2.45 22.37 14.02
C GLY B 191 -2.93 22.27 15.47
N GLU B 192 -3.17 23.43 16.03
CA GLU B 192 -3.55 23.56 17.41
C GLU B 192 -4.97 23.05 17.68
N THR B 193 -5.77 22.71 16.67
CA THR B 193 -7.04 22.07 16.94
C THR B 193 -6.76 20.62 17.37
N ILE B 194 -5.56 20.11 17.15
CA ILE B 194 -5.27 18.70 17.47
C ILE B 194 -4.84 18.58 18.95
N ILE B 195 -5.51 17.69 19.70
CA ILE B 195 -5.26 17.50 21.15
C ILE B 195 -4.79 16.08 21.47
N PRO B 196 -3.47 15.84 21.60
CA PRO B 196 -3.01 14.53 21.91
C PRO B 196 -3.09 14.36 23.45
N ILE B 197 -3.73 13.29 23.89
CA ILE B 197 -3.92 12.94 25.27
C ILE B 197 -3.23 11.59 25.50
N ILE B 198 -2.09 11.61 26.16
CA ILE B 198 -1.45 10.38 26.64
C ILE B 198 -2.28 9.87 27.84
N THR B 199 -2.90 8.71 27.72
CA THR B 199 -3.83 8.23 28.70
C THR B 199 -3.07 7.51 29.80
N ASP B 200 -1.89 7.02 29.44
CA ASP B 200 -1.00 6.35 30.36
C ASP B 200 -0.07 7.40 31.04
N LYS B 201 -0.45 7.82 32.23
CA LYS B 201 0.21 8.96 32.86
C LYS B 201 1.60 8.66 33.34
N SER B 202 1.98 7.39 33.54
CA SER B 202 3.39 7.17 33.75
C SER B 202 4.26 7.71 32.58
N LEU B 203 3.80 7.52 31.34
CA LEU B 203 4.59 7.92 30.18
C LEU B 203 4.76 9.43 30.06
N VAL B 204 3.75 10.20 30.48
CA VAL B 204 3.84 11.66 30.52
C VAL B 204 4.99 12.06 31.43
N PHE B 205 5.02 11.47 32.63
CA PHE B 205 6.03 11.82 33.59
C PHE B 205 7.39 11.49 32.98
N GLN B 206 7.49 10.30 32.37
CA GLN B 206 8.79 9.82 31.86
C GLN B 206 9.28 10.64 30.66
N LEU B 207 8.37 11.18 29.83
CA LEU B 207 8.77 12.08 28.74
C LEU B 207 9.44 13.29 29.32
N ASP B 208 9.00 13.66 30.53
CA ASP B 208 9.47 14.86 31.18
C ASP B 208 9.44 16.09 30.19
N LYS B 209 10.52 16.83 29.96
CA LYS B 209 10.41 18.05 29.14
C LYS B 209 10.32 17.78 27.63
N GLN B 210 10.41 16.53 27.22
CA GLN B 210 10.12 16.15 25.86
C GLN B 210 8.63 16.21 25.59
N TYR B 211 7.81 16.42 26.62
CA TYR B 211 6.37 16.24 26.45
C TYR B 211 5.81 17.29 25.51
N GLU B 212 6.20 18.54 25.69
CA GLU B 212 5.72 19.59 24.84
C GLU B 212 6.27 19.45 23.41
N HIS B 213 7.39 18.77 23.25
CA HIS B 213 7.93 18.53 21.93
C HIS B 213 7.08 17.48 21.19
N PHE B 214 6.81 16.34 21.85
CA PHE B 214 5.78 15.42 21.45
C PHE B 214 4.45 16.07 21.00
N ILE B 215 3.84 16.90 21.85
CA ILE B 215 2.52 17.49 21.58
C ILE B 215 2.60 18.30 20.29
N HIS B 216 3.62 19.14 20.20
CA HIS B 216 3.84 20.04 19.05
C HIS B 216 4.06 19.26 17.73
N ARG B 217 4.80 18.17 17.83
CA ARG B 217 5.12 17.31 16.71
C ARG B 217 3.87 16.59 16.15
N VAL B 218 2.96 16.11 17.02
CA VAL B 218 1.70 15.59 16.57
C VAL B 218 0.87 16.69 15.94
N GLN B 219 0.78 17.82 16.61
CA GLN B 219 0.01 18.91 16.07
C GLN B 219 0.50 19.34 14.66
N PHE B 220 1.81 19.37 14.42
CA PHE B 220 2.34 19.99 13.20
C PHE B 220 2.94 18.98 12.15
N GLY B 221 2.60 17.71 12.33
CA GLY B 221 3.06 16.59 11.48
C GLY B 221 2.79 16.82 9.98
N GLY B 222 1.61 17.31 9.61
CA GLY B 222 1.25 17.70 8.23
C GLY B 222 2.24 18.68 7.61
N ASP B 223 2.60 19.73 8.36
CA ASP B 223 3.49 20.79 7.94
C ASP B 223 4.89 20.27 7.82
N GLU B 224 5.25 19.31 8.69
CA GLU B 224 6.59 18.73 8.60
C GLU B 224 6.79 18.02 7.26
N ILE B 225 5.80 17.28 6.80
CA ILE B 225 6.01 16.55 5.51
C ILE B 225 6.01 17.55 4.34
N VAL B 226 5.15 18.56 4.37
CA VAL B 226 5.08 19.56 3.29
C VAL B 226 6.46 20.16 3.23
N LYS B 227 6.97 20.60 4.36
CA LYS B 227 8.35 21.11 4.40
C LYS B 227 9.36 20.08 3.86
N ALA B 228 9.21 18.82 4.19
CA ALA B 228 10.21 17.86 3.76
C ALA B 228 10.09 17.53 2.28
N LYS B 229 8.95 17.85 1.64
CA LYS B 229 8.79 17.69 0.18
C LYS B 229 8.84 19.08 -0.51
N GLN B 230 9.55 20.03 0.09
CA GLN B 230 9.52 21.47 -0.24
C GLN B 230 8.25 22.03 -0.85
N GLY B 231 7.19 22.09 -0.05
CA GLY B 231 5.92 22.59 -0.51
C GLY B 231 5.19 21.69 -1.50
N ALA B 232 5.86 20.69 -2.08
CA ALA B 232 5.36 20.14 -3.35
C ALA B 232 4.63 18.84 -3.16
N GLY B 233 3.97 18.73 -2.02
CA GLY B 233 3.34 17.51 -1.58
C GLY B 233 3.14 17.53 -0.06
N SER B 234 2.23 16.72 0.40
CA SER B 234 1.94 16.57 1.80
C SER B 234 1.99 15.06 2.01
N ALA B 235 1.51 14.58 3.15
CA ALA B 235 1.64 13.20 3.50
C ALA B 235 0.67 12.24 2.82
N THR B 236 0.99 11.68 1.67
CA THR B 236 0.05 10.90 0.91
C THR B 236 0.00 9.43 1.38
N LEU B 237 1.14 8.79 1.54
CA LEU B 237 1.20 7.38 1.81
C LEU B 237 0.73 7.09 3.27
N SER B 238 1.15 7.94 4.20
CA SER B 238 0.66 7.78 5.55
C SER B 238 -0.80 8.16 5.70
N MET B 239 -1.33 9.10 4.89
CA MET B 239 -2.76 9.44 4.86
C MET B 239 -3.57 8.26 4.34
N ALA B 240 -3.06 7.64 3.27
CA ALA B 240 -3.65 6.43 2.77
C ALA B 240 -3.68 5.34 3.81
N PHE B 241 -2.58 5.15 4.50
CA PHE B 241 -2.49 4.13 5.55
C PHE B 241 -3.50 4.40 6.68
N ALA B 242 -3.54 5.62 7.18
CA ALA B 242 -4.47 5.91 8.29
C ALA B 242 -5.94 5.78 7.88
N GLY B 243 -6.24 6.24 6.67
CA GLY B 243 -7.56 6.07 6.06
C GLY B 243 -7.95 4.61 5.88
N ALA B 244 -7.05 3.76 5.39
CA ALA B 244 -7.35 2.33 5.33
C ALA B 244 -7.57 1.68 6.73
N LYS B 245 -6.69 2.03 7.68
CA LYS B 245 -6.85 1.51 9.09
C LYS B 245 -8.22 1.93 9.61
N PHE B 246 -8.63 3.19 9.42
CA PHE B 246 -9.92 3.62 9.93
C PHE B 246 -11.10 2.96 9.23
N ALA B 247 -11.04 2.84 7.90
CA ALA B 247 -12.01 2.05 7.20
C ALA B 247 -12.08 0.59 7.61
N GLU B 248 -10.95 -0.01 7.94
CA GLU B 248 -10.97 -1.40 8.38
C GLU B 248 -11.77 -1.48 9.71
N GLU B 249 -11.67 -0.46 10.54
CA GLU B 249 -12.46 -0.46 11.80
C GLU B 249 -13.95 -0.36 11.50
N VAL B 250 -14.35 0.47 10.54
CA VAL B 250 -15.75 0.58 10.11
C VAL B 250 -16.20 -0.76 9.49
N LEU B 251 -15.39 -1.33 8.60
CA LEU B 251 -15.72 -2.62 8.02
C LEU B 251 -15.81 -3.74 9.07
N ARG B 252 -14.90 -3.79 10.03
CA ARG B 252 -15.03 -4.79 11.16
C ARG B 252 -16.38 -4.79 11.86
N SER B 253 -16.85 -3.57 12.11
CA SER B 253 -18.15 -3.33 12.68
C SER B 253 -19.32 -3.87 11.83
N PHE B 254 -19.28 -3.76 10.51
CA PHE B 254 -20.31 -4.43 9.65
C PHE B 254 -20.37 -5.92 9.95
N HIS B 255 -19.21 -6.51 10.19
CA HIS B 255 -19.05 -7.93 10.48
C HIS B 255 -19.12 -8.32 11.95
N ASN B 256 -19.75 -7.48 12.76
CA ASN B 256 -19.95 -7.71 14.19
C ASN B 256 -18.71 -8.11 14.92
N GLU B 257 -17.58 -7.56 14.52
CA GLU B 257 -16.36 -7.74 15.29
C GLU B 257 -16.13 -6.49 16.13
N LYS B 258 -15.34 -6.63 17.20
CA LYS B 258 -14.90 -5.46 18.00
C LYS B 258 -13.80 -4.65 17.30
N PRO B 259 -13.61 -3.40 17.68
CA PRO B 259 -12.48 -2.70 17.04
C PRO B 259 -11.10 -3.14 17.58
N GLU B 260 -10.03 -2.78 16.89
CA GLU B 260 -8.67 -3.07 17.38
C GLU B 260 -8.19 -1.85 18.14
N THR B 261 -8.43 -0.66 17.59
CA THR B 261 -8.01 0.58 18.21
C THR B 261 -8.85 0.86 19.45
N GLU B 262 -8.21 0.96 20.61
CA GLU B 262 -8.82 1.54 21.84
C GLU B 262 -9.09 3.05 21.65
N SER B 263 -10.23 3.52 22.10
CA SER B 263 -10.60 4.91 21.93
C SER B 263 -10.39 5.48 20.46
N LEU B 264 -10.69 4.69 19.43
CA LEU B 264 -10.74 5.15 18.02
C LEU B 264 -11.62 6.38 17.88
N SER B 265 -11.07 7.48 17.38
CA SER B 265 -11.81 8.70 17.21
C SER B 265 -12.12 9.03 15.73
N ALA B 266 -13.15 9.84 15.49
CA ALA B 266 -13.40 10.45 14.21
C ALA B 266 -14.07 11.73 14.46
N PHE B 267 -14.12 12.61 13.45
CA PHE B 267 -14.69 13.94 13.58
C PHE B 267 -16.14 13.84 13.22
N VAL B 268 -17.00 14.09 14.21
CA VAL B 268 -18.43 13.83 14.09
C VAL B 268 -19.33 14.95 14.56
N TYR B 269 -20.58 14.82 14.19
CA TYR B 269 -21.58 15.83 14.41
C TYR B 269 -22.21 15.60 15.80
N LEU B 270 -21.82 16.43 16.75
CA LEU B 270 -22.22 16.22 18.15
C LEU B 270 -23.72 16.26 18.41
N PRO B 271 -24.44 17.20 17.82
CA PRO B 271 -25.81 17.27 18.30
C PRO B 271 -26.70 16.13 17.86
N GLY B 272 -26.19 15.24 17.00
CA GLY B 272 -27.01 14.21 16.40
C GLY B 272 -26.67 12.90 17.02
N LEU B 273 -25.82 12.88 18.02
CA LEU B 273 -25.40 11.61 18.61
C LEU B 273 -25.41 11.55 20.14
N LYS B 274 -25.48 10.34 20.66
CA LYS B 274 -25.61 10.09 22.09
C LYS B 274 -24.33 10.43 22.77
N ASN B 275 -24.48 11.20 23.86
CA ASN B 275 -23.43 11.88 24.61
C ASN B 275 -22.84 13.07 23.93
N GLY B 276 -23.49 13.53 22.86
CA GLY B 276 -22.99 14.68 22.14
C GLY B 276 -23.09 15.96 22.95
N LYS B 277 -24.25 16.21 23.56
CA LYS B 277 -24.41 17.43 24.34
C LYS B 277 -23.48 17.35 25.57
N LYS B 278 -23.24 16.14 26.05
CA LYS B 278 -22.36 15.96 27.18
C LYS B 278 -20.96 16.38 26.71
N ALA B 279 -20.57 15.96 25.50
CA ALA B 279 -19.27 16.34 24.96
C ALA B 279 -19.18 17.86 24.76
N GLN B 280 -20.19 18.48 24.26
CA GLN B 280 -20.13 19.95 24.14
C GLN B 280 -19.79 20.64 25.50
N GLN B 281 -20.37 20.13 26.59
CA GLN B 281 -20.21 20.78 27.90
C GLN B 281 -18.80 20.59 28.33
N LEU B 282 -18.35 19.36 28.20
CA LEU B 282 -17.01 18.99 28.58
C LEU B 282 -15.93 19.69 27.82
N VAL B 283 -16.18 20.15 26.59
CA VAL B 283 -15.16 20.90 25.86
C VAL B 283 -15.29 22.40 26.08
N GLY B 284 -16.42 22.86 26.65
CA GLY B 284 -16.55 24.22 27.20
C GLY B 284 -17.25 25.11 26.20
N ASP B 285 -18.15 24.53 25.43
CA ASP B 285 -18.88 25.28 24.41
C ASP B 285 -20.12 24.51 24.06
N ASN B 286 -21.21 24.86 24.72
CA ASN B 286 -22.48 24.13 24.63
C ASN B 286 -23.07 24.06 23.24
N SER B 287 -22.46 24.77 22.28
CA SER B 287 -23.02 24.85 20.95
C SER B 287 -22.04 24.47 19.82
N ILE B 288 -20.84 24.03 20.13
CA ILE B 288 -19.89 23.60 19.09
C ILE B 288 -20.37 22.33 18.37
N GLU B 289 -20.55 22.40 17.03
CA GLU B 289 -21.23 21.31 16.32
C GLU B 289 -20.40 20.07 16.06
N TYR B 290 -19.06 20.16 16.07
CA TYR B 290 -18.23 18.99 15.74
C TYR B 290 -17.04 18.87 16.64
N PHE B 291 -16.61 17.62 16.80
CA PHE B 291 -15.34 17.29 17.47
C PHE B 291 -14.93 15.90 17.07
N SER B 292 -13.62 15.64 17.13
CA SER B 292 -13.12 14.34 16.96
C SER B 292 -12.96 13.70 18.36
N LEU B 293 -13.80 12.72 18.62
CA LEU B 293 -13.83 12.02 19.89
C LEU B 293 -13.97 10.53 19.67
N PRO B 294 -13.70 9.74 20.72
CA PRO B 294 -13.82 8.31 20.68
C PRO B 294 -15.26 7.88 20.39
N ILE B 295 -15.42 6.96 19.45
CA ILE B 295 -16.76 6.66 18.92
C ILE B 295 -17.05 5.20 19.22
N VAL B 296 -18.31 4.81 19.29
CA VAL B 296 -18.68 3.40 19.40
C VAL B 296 -19.46 3.12 18.13
N LEU B 297 -19.02 2.12 17.41
CA LEU B 297 -19.58 1.78 16.12
C LEU B 297 -20.48 0.57 16.31
N ARG B 298 -21.69 0.63 15.75
CA ARG B 298 -22.49 -0.55 15.52
C ARG B 298 -22.88 -0.58 14.06
N ASN B 299 -22.69 -1.73 13.44
CA ASN B 299 -22.98 -1.92 12.04
C ASN B 299 -22.40 -0.87 11.08
N GLY B 300 -21.19 -0.36 11.33
CA GLY B 300 -20.62 0.68 10.48
C GLY B 300 -20.95 2.13 10.83
N SER B 301 -21.83 2.34 11.81
CA SER B 301 -22.38 3.60 12.10
C SER B 301 -22.04 3.99 13.52
N VAL B 302 -21.84 5.27 13.74
CA VAL B 302 -21.51 5.76 15.08
C VAL B 302 -22.84 5.82 15.81
N VAL B 303 -22.93 5.11 16.94
CA VAL B 303 -24.17 5.08 17.76
C VAL B 303 -23.97 5.83 19.07
N SER B 304 -22.73 5.96 19.55
CA SER B 304 -22.47 6.91 20.64
C SER B 304 -21.04 7.41 20.67
N ILE B 305 -20.86 8.52 21.37
CA ILE B 305 -19.60 9.07 21.71
C ILE B 305 -19.21 8.71 23.15
N ASP B 306 -18.02 8.15 23.33
CA ASP B 306 -17.41 7.90 24.63
C ASP B 306 -16.56 9.11 25.08
N THR B 307 -17.05 9.81 26.09
CA THR B 307 -16.43 11.04 26.58
C THR B 307 -15.46 10.80 27.73
N SER B 308 -15.20 9.54 28.07
CA SER B 308 -14.29 9.22 29.14
C SER B 308 -13.06 10.08 29.18
N VAL B 309 -12.42 10.22 28.02
CA VAL B 309 -11.16 10.93 27.96
C VAL B 309 -11.30 12.38 28.48
N LEU B 310 -12.43 12.99 28.22
CA LEU B 310 -12.63 14.40 28.58
C LEU B 310 -12.91 14.58 30.08
N GLU B 311 -13.17 13.47 30.78
CA GLU B 311 -13.55 13.54 32.21
C GLU B 311 -12.33 13.38 33.10
N LYS B 312 -11.15 13.26 32.50
CA LYS B 312 -9.90 13.11 33.26
C LYS B 312 -8.73 13.87 32.70
N LEU B 313 -8.99 15.08 32.23
CA LEU B 313 -7.93 15.90 31.63
C LEU B 313 -6.99 16.50 32.67
N SER B 314 -5.68 16.59 32.36
CA SER B 314 -4.74 17.38 33.15
C SER B 314 -5.01 18.87 32.97
N PRO B 315 -4.42 19.75 33.83
CA PRO B 315 -4.64 21.18 33.56
C PRO B 315 -4.09 21.60 32.19
N ARG B 316 -3.01 20.97 31.77
CA ARG B 316 -2.40 21.31 30.51
C ARG B 316 -3.28 20.87 29.32
N GLU B 317 -3.84 19.69 29.44
CA GLU B 317 -4.78 19.18 28.45
C GLU B 317 -6.02 20.02 28.35
N GLU B 318 -6.49 20.54 29.48
CA GLU B 318 -7.66 21.41 29.47
C GLU B 318 -7.35 22.71 28.70
N GLN B 319 -6.13 23.21 28.87
CA GLN B 319 -5.67 24.33 28.08
C GLN B 319 -5.51 23.99 26.57
N LEU B 320 -5.05 22.77 26.21
CA LEU B 320 -5.03 22.36 24.80
C LEU B 320 -6.45 22.37 24.25
N VAL B 321 -7.39 21.90 25.03
CA VAL B 321 -8.77 21.85 24.63
C VAL B 321 -9.32 23.24 24.35
N ASN B 322 -9.02 24.20 25.23
CA ASN B 322 -9.66 25.50 25.10
C ASN B 322 -9.04 26.31 23.99
N THR B 323 -7.74 26.17 23.78
CA THR B 323 -7.09 26.70 22.57
C THR B 323 -7.66 26.05 21.27
N ALA B 324 -7.80 24.74 21.27
CA ALA B 324 -8.34 23.99 20.10
C ALA B 324 -9.79 24.39 19.76
N VAL B 325 -10.63 24.53 20.78
CA VAL B 325 -12.05 24.79 20.57
C VAL B 325 -12.27 26.17 19.93
N LYS B 326 -11.47 27.14 20.34
CA LYS B 326 -11.49 28.50 19.77
C LYS B 326 -11.15 28.51 18.28
N GLU B 327 -10.03 27.91 17.89
CA GLU B 327 -9.68 27.83 16.46
C GLU B 327 -10.64 26.90 15.68
N LEU B 328 -11.06 25.82 16.29
CA LEU B 328 -11.95 24.87 15.66
C LEU B 328 -13.26 25.52 15.34
N ARG B 329 -13.80 26.31 16.27
CA ARG B 329 -15.07 27.02 16.01
C ARG B 329 -15.00 27.84 14.73
N LYS B 330 -13.92 28.59 14.57
CA LYS B 330 -13.72 29.39 13.34
C LYS B 330 -13.63 28.48 12.11
N ASN B 331 -12.96 27.35 12.21
CA ASN B 331 -12.87 26.44 11.05
C ASN B 331 -14.27 25.94 10.70
N ILE B 332 -15.02 25.45 11.70
CA ILE B 332 -16.40 25.04 11.43
C ILE B 332 -17.21 26.15 10.77
N GLU B 333 -17.13 27.34 11.34
CA GLU B 333 -17.90 28.47 10.84
C GLU B 333 -17.42 28.80 9.43
N LYS B 334 -16.14 28.65 9.16
CA LYS B 334 -15.69 28.95 7.82
C LYS B 334 -16.32 28.00 6.79
N GLY B 335 -16.32 26.70 7.08
CA GLY B 335 -16.94 25.75 6.15
C GLY B 335 -18.43 26.07 5.98
N LYS B 336 -19.12 26.21 7.12
CA LYS B 336 -20.57 26.29 7.06
C LYS B 336 -21.02 27.55 6.37
N SER B 337 -20.37 28.68 6.60
CA SER B 337 -20.78 29.92 5.88
C SER B 337 -20.45 29.91 4.37
N PHE B 338 -19.35 29.27 4.00
CA PHE B 338 -19.04 29.14 2.56
C PHE B 338 -20.19 28.47 1.82
N ILE B 339 -20.77 27.42 2.38
CA ILE B 339 -21.93 26.78 1.79
C ILE B 339 -23.28 27.46 2.05
N LEU B 340 -23.47 28.06 3.21
CA LEU B 340 -24.83 28.48 3.54
C LEU B 340 -25.12 29.86 3.03
N ASP B 341 -24.08 30.65 2.77
CA ASP B 341 -24.21 32.02 2.23
C ASP B 341 -24.24 32.03 0.70
C1 GOL C . -28.00 5.94 11.94
O1 GOL C . -27.12 5.55 10.87
C2 GOL C . -27.33 7.06 12.76
O2 GOL C . -27.71 8.34 12.23
C3 GOL C . -27.64 7.03 14.25
O3 GOL C . -26.44 6.84 15.01
C1 GOL D . -7.30 16.17 -0.40
O1 GOL D . -7.39 16.66 0.93
C2 GOL D . -6.31 15.01 -0.52
O2 GOL D . -4.96 15.54 -0.43
C3 GOL D . -6.64 14.00 0.56
O3 GOL D . -6.41 14.56 1.88
#